data_7JKR
#
_entry.id   7JKR
#
_cell.length_a   99.328
_cell.length_b   99.328
_cell.length_c   134.029
_cell.angle_alpha   90.000
_cell.angle_beta   90.000
_cell.angle_gamma   120.000
#
_symmetry.space_group_name_H-M   'P 32 2 1'
#
loop_
_entity.id
_entity.type
_entity.pdbx_description
1 polymer 'Succinate--CoA ligase [ADP/GDP-forming] subunit alpha, mitochondrial'
2 polymer 'Succinyl-CoA ligase [GDP-forming] subunit beta, mitochondrial'
3 non-polymer GLYCEROL
4 non-polymer 'PHOSPHOAMINOPHOSPHONIC ACID-GUANYLATE ESTER'
5 non-polymer 'MAGNESIUM ION'
6 water water
#
loop_
_entity_poly.entity_id
_entity_poly.type
_entity_poly.pdbx_seq_one_letter_code
_entity_poly.pdbx_strand_id
1 'polypeptide(L)'
;SYTASRKHLYVDKNTKVICQGFTGKQGTFHSQQALEYGTNLVGGTTPGKGGKTHLGLPVFNTVKEAKEQTGATASVIYVP
PPFAAAAINEAIDAEVPLVVCITEGIPQQDMVRVKHRLLRQGKTRLIGPNCPGVINPGECKIGIMPGHIHKKGRIGIVSR
SGTLTYEAVHQTTQVGLGQSLCVGIGGDPFNGTDFTDCLEIFLNDPATEGIILIGEIGGNAEENAAEFLKQHNSGPKSKP
VVSFIAGLTAPPGRRMGHAGAIIAGGKGGAKEKITALQSAGVVVSMSPAQLGTTIYKEFEKRKML
;
A
2 'polypeptide(L)'
;MNLQEYQSKKLMSDNGVKVQRFFVADTANEALEAAKRLNAKEIVLKAQILAGGRGKGVFSSGLKGGVHLTKDPEVVGQLA
KQMIGYNLATKQTPKEGVKVNKVMVAEALDISRETYLAILMDRSCNGPVLVGSPQGGVDIEEVAASNPELIFKEQIDIIE
GIKDSQAQRMAENLGFLGPLQNQAADQIKKLYNLFLKIDATQVEVNPFGETPEGQVVCFDAKINFDDNAEFRQKDIFAMD
DKSENEPIENEAAKYDLKYIGLDGNIACFVNGAGLAMATCDIIFLNGGKPANFLDLGGGVKESQVYQAFKLLTADPKVEA
ILVNIFGGIVN(CME)AIIANGITKACRELELKVPLVVRLEGTNVHEAQNILTNSGLPITSAVDLEDAAKKAVASVTKK
;
B
#
# COMPACT_ATOMS: atom_id res chain seq x y z
N SER A 1 29.10 -0.85 0.55
CA SER A 1 27.76 -0.30 0.70
C SER A 1 26.70 -1.36 0.42
N TYR A 2 25.45 -1.04 0.76
CA TYR A 2 24.38 -2.00 0.58
C TYR A 2 24.22 -2.42 -0.87
N THR A 3 24.49 -1.52 -1.81
CA THR A 3 24.38 -1.88 -3.22
C THR A 3 25.30 -3.05 -3.56
N ALA A 4 26.40 -3.19 -2.85
CA ALA A 4 27.31 -4.32 -3.07
C ALA A 4 26.62 -5.67 -2.95
N SER A 5 25.46 -5.72 -2.29
CA SER A 5 24.73 -6.97 -2.10
C SER A 5 23.70 -7.22 -3.19
N ARG A 6 23.53 -6.29 -4.14
CA ARG A 6 22.61 -6.54 -5.25
C ARG A 6 22.86 -7.89 -5.90
N LYS A 7 24.13 -8.23 -6.10
CA LYS A 7 24.49 -9.47 -6.79
C LYS A 7 23.71 -10.66 -6.25
N HIS A 8 23.44 -10.67 -4.94
CA HIS A 8 22.73 -11.78 -4.32
C HIS A 8 21.27 -11.89 -4.78
N LEU A 9 20.79 -10.94 -5.57
CA LEU A 9 19.43 -11.06 -6.10
C LEU A 9 19.33 -12.18 -7.13
N TYR A 10 20.44 -12.54 -7.77
CA TYR A 10 20.42 -13.47 -8.90
C TYR A 10 20.64 -14.90 -8.38
N VAL A 11 19.59 -15.44 -7.77
CA VAL A 11 19.59 -16.83 -7.33
C VAL A 11 19.88 -17.71 -8.54
N ASP A 12 20.20 -18.98 -8.31
CA ASP A 12 20.53 -19.87 -9.39
C ASP A 12 20.55 -21.31 -8.88
N LYS A 13 21.06 -22.22 -9.72
CA LYS A 13 21.09 -23.64 -9.42
C LYS A 13 21.70 -23.93 -8.05
N ASN A 14 22.66 -23.12 -7.61
CA ASN A 14 23.48 -23.47 -6.46
C ASN A 14 22.96 -22.95 -5.14
N THR A 15 22.32 -21.78 -5.12
CA THR A 15 21.92 -21.16 -3.86
C THR A 15 21.15 -22.15 -3.00
N LYS A 16 21.58 -22.29 -1.74
CA LYS A 16 20.98 -23.21 -0.79
C LYS A 16 20.04 -22.41 0.11
N VAL A 17 18.75 -22.68 0.01
CA VAL A 17 17.71 -21.88 0.65
C VAL A 17 17.24 -22.55 1.92
N ILE A 18 16.85 -21.74 2.90
CA ILE A 18 16.18 -22.22 4.11
C ILE A 18 14.94 -21.36 4.34
N CYS A 19 14.08 -21.82 5.26
CA CYS A 19 12.76 -21.24 5.44
C CYS A 19 12.55 -20.91 6.92
N GLN A 20 12.39 -19.61 7.21
CA GLN A 20 12.00 -19.17 8.54
C GLN A 20 10.49 -19.24 8.67
N GLY A 21 10.02 -19.86 9.74
CA GLY A 21 8.62 -20.24 9.81
C GLY A 21 8.37 -21.55 9.08
N PHE A 22 9.27 -22.52 9.24
CA PHE A 22 9.23 -23.73 8.43
C PHE A 22 7.98 -24.56 8.73
N THR A 23 7.66 -24.74 10.01
CA THR A 23 6.50 -25.55 10.38
C THR A 23 5.19 -24.81 10.15
N GLY A 24 5.22 -23.49 10.00
CA GLY A 24 4.01 -22.74 9.74
C GLY A 24 3.28 -23.25 8.52
N LYS A 25 1.97 -22.99 8.50
CA LYS A 25 1.13 -23.53 7.43
C LYS A 25 1.58 -23.02 6.06
N GLN A 26 1.88 -21.73 5.95
CA GLN A 26 2.39 -21.21 4.68
C GLN A 26 3.83 -21.65 4.45
N GLY A 27 4.64 -21.67 5.49
CA GLY A 27 6.01 -22.13 5.34
C GLY A 27 6.08 -23.53 4.78
N THR A 28 5.27 -24.44 5.33
CA THR A 28 5.29 -25.82 4.86
C THR A 28 4.85 -25.91 3.40
N PHE A 29 3.71 -25.30 3.07
CA PHE A 29 3.17 -25.42 1.71
C PHE A 29 4.19 -24.91 0.68
N HIS A 30 4.54 -23.62 0.77
CA HIS A 30 5.47 -23.05 -0.19
C HIS A 30 6.85 -23.70 -0.10
N SER A 31 7.18 -24.32 1.03
CA SER A 31 8.43 -25.08 1.10
C SER A 31 8.34 -26.33 0.23
N GLN A 32 7.21 -27.03 0.27
CA GLN A 32 7.03 -28.17 -0.62
C GLN A 32 7.10 -27.74 -2.08
N GLN A 33 6.35 -26.70 -2.44
CA GLN A 33 6.42 -26.15 -3.79
C GLN A 33 7.86 -25.98 -4.24
N ALA A 34 8.71 -25.44 -3.37
CA ALA A 34 10.10 -25.21 -3.73
C ALA A 34 10.84 -26.54 -3.94
N LEU A 35 10.64 -27.51 -3.04
CA LEU A 35 11.31 -28.79 -3.19
C LEU A 35 10.88 -29.48 -4.47
N GLU A 36 9.58 -29.50 -4.74
CA GLU A 36 9.09 -30.16 -5.96
C GLU A 36 9.58 -29.43 -7.20
N TYR A 37 9.67 -28.10 -7.15
CA TYR A 37 10.16 -27.33 -8.29
C TYR A 37 11.64 -27.52 -8.54
N GLY A 38 12.38 -28.10 -7.57
CA GLY A 38 13.80 -28.30 -7.71
C GLY A 38 14.66 -27.35 -6.91
N THR A 39 14.07 -26.35 -6.26
CA THR A 39 14.86 -25.42 -5.45
C THR A 39 15.59 -26.18 -4.36
N ASN A 40 16.84 -25.77 -4.11
CA ASN A 40 17.68 -26.45 -3.12
C ASN A 40 17.33 -25.90 -1.74
N LEU A 41 16.22 -26.41 -1.20
CA LEU A 41 15.81 -26.10 0.16
C LEU A 41 16.46 -27.10 1.11
N VAL A 42 17.28 -26.60 2.04
CA VAL A 42 18.09 -27.45 2.91
C VAL A 42 17.57 -27.49 4.33
N GLY A 43 16.44 -26.87 4.61
CA GLY A 43 15.84 -26.92 5.93
C GLY A 43 15.21 -25.58 6.27
N GLY A 44 14.75 -25.48 7.52
CA GLY A 44 14.14 -24.26 8.00
C GLY A 44 14.29 -24.14 9.49
N THR A 45 13.70 -23.08 10.05
CA THR A 45 13.77 -22.80 11.47
C THR A 45 12.38 -22.65 12.06
N THR A 46 12.29 -22.92 13.36
CA THR A 46 11.08 -22.69 14.14
C THR A 46 11.45 -22.78 15.61
N PRO A 47 11.37 -21.69 16.37
CA PRO A 47 11.76 -21.75 17.79
C PRO A 47 11.02 -22.86 18.52
N GLY A 48 11.77 -23.65 19.28
CA GLY A 48 11.21 -24.78 19.97
C GLY A 48 11.08 -26.04 19.14
N LYS A 49 11.59 -26.04 17.92
CA LYS A 49 11.49 -27.20 17.03
C LYS A 49 12.86 -27.68 16.55
N GLY A 50 13.95 -27.04 16.97
CA GLY A 50 15.27 -27.46 16.56
C GLY A 50 15.56 -28.93 16.86
N GLY A 51 16.09 -29.65 15.87
CA GLY A 51 16.39 -31.06 16.03
C GLY A 51 15.33 -31.99 15.47
N LYS A 52 14.18 -31.46 15.06
CA LYS A 52 13.12 -32.25 14.45
C LYS A 52 13.16 -32.07 12.95
N THR A 53 12.81 -33.14 12.23
CA THR A 53 12.80 -33.11 10.78
C THR A 53 11.43 -32.71 10.27
N HIS A 54 11.42 -32.01 9.13
CA HIS A 54 10.19 -31.51 8.54
C HIS A 54 10.35 -31.53 7.03
N LEU A 55 9.39 -32.15 6.34
CA LEU A 55 9.48 -32.37 4.90
C LEU A 55 10.75 -33.12 4.53
N GLY A 56 11.27 -33.91 5.47
CA GLY A 56 12.52 -34.61 5.26
C GLY A 56 13.76 -33.77 5.46
N LEU A 57 13.62 -32.52 5.90
CA LEU A 57 14.72 -31.61 6.09
C LEU A 57 14.81 -31.19 7.55
N PRO A 58 15.99 -30.77 8.02
CA PRO A 58 16.15 -30.44 9.43
C PRO A 58 15.52 -29.11 9.78
N VAL A 59 15.00 -29.04 11.01
CA VAL A 59 14.49 -27.81 11.59
C VAL A 59 15.45 -27.37 12.69
N PHE A 60 15.67 -26.06 12.78
CA PHE A 60 16.59 -25.50 13.75
C PHE A 60 15.89 -24.42 14.55
N ASN A 61 16.47 -24.09 15.70
CA ASN A 61 15.90 -23.03 16.54
C ASN A 61 16.17 -21.65 15.96
N THR A 62 17.42 -21.36 15.64
CA THR A 62 17.83 -20.06 15.12
C THR A 62 18.36 -20.21 13.69
N VAL A 63 18.75 -19.08 13.10
CA VAL A 63 19.20 -19.08 11.72
C VAL A 63 20.67 -19.47 11.63
N LYS A 64 21.52 -18.93 12.51
CA LYS A 64 22.92 -19.32 12.51
C LYS A 64 23.06 -20.83 12.66
N GLU A 65 22.33 -21.41 13.60
CA GLU A 65 22.28 -22.86 13.74
C GLU A 65 21.90 -23.51 12.41
N ALA A 66 20.91 -22.95 11.72
CA ALA A 66 20.50 -23.49 10.43
C ALA A 66 21.48 -23.15 9.32
N LYS A 67 22.28 -22.09 9.48
CA LYS A 67 23.19 -21.69 8.41
C LYS A 67 24.48 -22.50 8.44
N GLU A 68 25.17 -22.49 9.58
CA GLU A 68 26.44 -23.20 9.67
C GLU A 68 26.29 -24.67 9.30
N GLN A 69 25.21 -25.30 9.76
CA GLN A 69 25.05 -26.74 9.57
C GLN A 69 24.61 -27.10 8.16
N THR A 70 23.98 -26.17 7.44
CA THR A 70 23.57 -26.41 6.07
C THR A 70 24.35 -25.58 5.05
N GLY A 71 25.11 -24.59 5.49
CA GLY A 71 25.77 -23.70 4.55
C GLY A 71 24.81 -22.88 3.71
N ALA A 72 23.66 -22.54 4.27
CA ALA A 72 22.64 -21.83 3.50
C ALA A 72 23.18 -20.50 2.99
N THR A 73 22.60 -20.03 1.89
CA THR A 73 22.96 -18.76 1.29
C THR A 73 21.75 -17.89 1.01
N ALA A 74 20.54 -18.38 1.25
CA ALA A 74 19.33 -17.60 1.08
C ALA A 74 18.31 -18.06 2.12
N SER A 75 17.49 -17.11 2.56
CA SER A 75 16.41 -17.41 3.49
C SER A 75 15.13 -16.78 2.97
N VAL A 76 14.01 -17.48 3.21
CA VAL A 76 12.69 -16.99 2.88
C VAL A 76 11.86 -16.98 4.15
N ILE A 77 11.22 -15.86 4.44
CA ILE A 77 10.57 -15.62 5.72
C ILE A 77 9.06 -15.67 5.52
N TYR A 78 8.40 -16.55 6.27
CA TYR A 78 6.95 -16.57 6.39
C TYR A 78 6.50 -16.26 7.81
N VAL A 79 7.38 -15.71 8.62
CA VAL A 79 7.01 -15.38 10.01
C VAL A 79 5.87 -14.38 10.00
N PRO A 80 4.88 -14.49 10.89
CA PRO A 80 3.77 -13.54 10.88
C PRO A 80 4.25 -12.11 11.06
N PRO A 81 3.42 -11.14 10.71
CA PRO A 81 3.88 -9.73 10.67
C PRO A 81 4.44 -9.26 11.99
N PRO A 82 3.81 -9.60 13.12
CA PRO A 82 4.31 -9.08 14.41
C PRO A 82 5.79 -9.36 14.65
N PHE A 83 6.26 -10.54 14.24
CA PHE A 83 7.63 -10.96 14.49
C PHE A 83 8.45 -11.10 13.22
N ALA A 84 7.91 -10.70 12.07
CA ALA A 84 8.65 -10.86 10.81
C ALA A 84 9.86 -9.94 10.75
N ALA A 85 9.72 -8.69 11.20
CA ALA A 85 10.85 -7.77 11.20
C ALA A 85 12.03 -8.36 11.95
N ALA A 86 11.78 -8.97 13.12
CA ALA A 86 12.86 -9.63 13.84
C ALA A 86 13.43 -10.78 13.03
N ALA A 87 12.57 -11.53 12.32
CA ALA A 87 13.04 -12.63 11.49
C ALA A 87 14.10 -12.14 10.51
N ILE A 88 13.88 -10.96 9.91
CA ILE A 88 14.87 -10.38 9.01
C ILE A 88 16.15 -10.09 9.75
N ASN A 89 16.05 -9.36 10.87
CA ASN A 89 17.22 -9.00 11.66
C ASN A 89 18.03 -10.24 12.06
N GLU A 90 17.35 -11.35 12.32
CA GLU A 90 18.07 -12.57 12.65
C GLU A 90 18.90 -13.04 11.46
N ALA A 91 18.36 -12.93 10.25
CA ALA A 91 19.10 -13.34 9.06
C ALA A 91 20.25 -12.39 8.78
N ILE A 92 20.06 -11.09 8.98
CA ILE A 92 21.15 -10.14 8.78
C ILE A 92 22.26 -10.38 9.79
N ASP A 93 21.90 -10.62 11.06
CA ASP A 93 22.89 -10.96 12.06
C ASP A 93 23.67 -12.20 11.64
N ALA A 94 22.98 -13.19 11.08
CA ALA A 94 23.62 -14.38 10.55
C ALA A 94 24.28 -14.12 9.21
N GLU A 95 24.20 -12.91 8.69
CA GLU A 95 24.83 -12.53 7.43
C GLU A 95 24.46 -13.52 6.33
N VAL A 96 23.17 -13.81 6.24
CA VAL A 96 22.65 -14.57 5.10
C VAL A 96 22.73 -13.71 3.85
N PRO A 97 23.37 -14.18 2.78
CA PRO A 97 23.53 -13.32 1.59
C PRO A 97 22.23 -12.76 1.04
N LEU A 98 21.18 -13.58 0.94
CA LEU A 98 19.90 -13.14 0.40
C LEU A 98 18.80 -13.48 1.39
N VAL A 99 17.96 -12.50 1.71
CA VAL A 99 16.78 -12.70 2.55
C VAL A 99 15.56 -12.25 1.77
N VAL A 100 14.57 -13.14 1.68
CA VAL A 100 13.34 -12.88 0.92
C VAL A 100 12.20 -12.97 1.92
N CYS A 101 11.69 -11.83 2.35
CA CYS A 101 10.58 -11.79 3.31
C CYS A 101 9.28 -11.70 2.53
N ILE A 102 8.50 -12.78 2.56
CA ILE A 102 7.23 -12.80 1.84
C ILE A 102 6.15 -12.09 2.64
N THR A 103 6.19 -12.24 3.96
CA THR A 103 5.12 -11.79 4.84
C THR A 103 4.61 -10.41 4.46
N GLU A 104 3.29 -10.29 4.39
CA GLU A 104 2.61 -9.01 4.24
C GLU A 104 2.06 -8.60 5.60
N GLY A 105 2.11 -7.30 5.87
CA GLY A 105 1.55 -6.75 7.09
C GLY A 105 2.53 -6.26 8.13
N ILE A 106 3.80 -6.12 7.78
CA ILE A 106 4.79 -5.64 8.75
C ILE A 106 4.55 -4.15 8.98
N PRO A 107 4.43 -3.69 10.22
CA PRO A 107 4.32 -2.25 10.45
C PRO A 107 5.45 -1.49 9.75
N GLN A 108 5.11 -0.32 9.19
CA GLN A 108 6.12 0.48 8.53
C GLN A 108 7.24 0.85 9.49
N GLN A 109 6.90 1.13 10.75
CA GLN A 109 7.91 1.54 11.71
C GLN A 109 8.94 0.45 11.93
N ASP A 110 8.50 -0.81 11.95
CA ASP A 110 9.44 -1.93 12.06
C ASP A 110 10.42 -1.93 10.89
N MET A 111 9.89 -1.79 9.67
CA MET A 111 10.75 -1.86 8.49
C MET A 111 11.64 -0.64 8.35
N VAL A 112 11.13 0.54 8.76
CA VAL A 112 12.00 1.71 8.83
C VAL A 112 13.20 1.41 9.71
N ARG A 113 12.97 0.65 10.79
CA ARG A 113 14.04 0.29 11.71
C ARG A 113 14.93 -0.78 11.13
N VAL A 114 14.34 -1.81 10.52
CA VAL A 114 15.13 -2.83 9.82
C VAL A 114 15.98 -2.17 8.74
N LYS A 115 15.32 -1.47 7.81
CA LYS A 115 16.03 -0.87 6.69
C LYS A 115 17.12 0.08 7.16
N HIS A 116 16.96 0.68 8.34
CA HIS A 116 17.96 1.62 8.84
C HIS A 116 19.34 0.97 8.90
N ARG A 117 19.42 -0.21 9.55
CA ARG A 117 20.71 -0.89 9.64
C ARG A 117 21.06 -1.60 8.33
N LEU A 118 20.06 -2.08 7.60
CA LEU A 118 20.32 -2.76 6.33
C LEU A 118 21.20 -1.92 5.42
N LEU A 119 20.92 -0.62 5.34
CA LEU A 119 21.73 0.28 4.51
C LEU A 119 23.13 0.48 5.06
N ARG A 120 23.39 0.09 6.30
CA ARG A 120 24.70 0.23 6.91
C ARG A 120 25.55 -1.02 6.77
N GLN A 121 25.17 -1.94 5.91
CA GLN A 121 25.90 -3.19 5.73
C GLN A 121 25.69 -3.68 4.30
N GLY A 122 26.62 -4.51 3.84
CA GLY A 122 26.58 -4.98 2.48
C GLY A 122 26.59 -6.49 2.34
N LYS A 123 26.48 -7.20 3.46
CA LYS A 123 26.53 -8.65 3.41
C LYS A 123 25.19 -9.24 2.97
N THR A 124 24.08 -8.73 3.52
CA THR A 124 22.76 -9.31 3.32
C THR A 124 21.93 -8.42 2.40
N ARG A 125 21.37 -9.02 1.36
CA ARG A 125 20.41 -8.38 0.47
C ARG A 125 19.00 -8.82 0.86
N LEU A 126 18.09 -7.86 0.97
CA LEU A 126 16.72 -8.12 1.37
C LEU A 126 15.79 -7.85 0.20
N ILE A 127 14.85 -8.77 -0.03
CA ILE A 127 13.76 -8.58 -0.98
C ILE A 127 12.46 -8.56 -0.19
N GLY A 128 11.65 -7.54 -0.41
CA GLY A 128 10.39 -7.40 0.30
C GLY A 128 10.51 -6.43 1.45
N PRO A 129 9.60 -6.53 2.43
CA PRO A 129 8.59 -7.58 2.60
C PRO A 129 7.38 -7.42 1.69
N ASN A 130 6.38 -8.26 1.89
CA ASN A 130 5.11 -8.17 1.17
C ASN A 130 5.36 -8.27 -0.34
N CYS A 131 6.18 -9.23 -0.73
CA CYS A 131 6.52 -9.48 -2.11
C CYS A 131 6.26 -10.95 -2.43
N PRO A 132 6.13 -11.29 -3.72
CA PRO A 132 5.99 -12.70 -4.09
C PRO A 132 7.29 -13.48 -4.05
N GLY A 133 8.43 -12.80 -4.06
CA GLY A 133 9.73 -13.43 -4.01
C GLY A 133 10.44 -13.34 -5.34
N VAL A 134 11.54 -14.09 -5.45
CA VAL A 134 12.36 -14.14 -6.65
C VAL A 134 12.40 -15.57 -7.15
N ILE A 135 12.48 -15.73 -8.47
CA ILE A 135 12.54 -17.04 -9.09
C ILE A 135 13.46 -16.97 -10.30
N ASN A 136 14.46 -17.84 -10.33
CA ASN A 136 15.27 -18.06 -11.52
C ASN A 136 14.64 -19.23 -12.27
N PRO A 137 13.89 -18.98 -13.36
CA PRO A 137 13.17 -20.07 -14.01
C PRO A 137 14.03 -21.29 -14.28
N GLY A 138 13.68 -22.42 -13.65
CA GLY A 138 14.39 -23.66 -13.86
C GLY A 138 15.39 -23.98 -12.78
N GLU A 139 16.10 -22.96 -12.28
CA GLU A 139 17.20 -23.17 -11.35
C GLU A 139 16.81 -22.96 -9.89
N CYS A 140 16.06 -21.91 -9.57
CA CYS A 140 15.74 -21.64 -8.18
C CYS A 140 14.46 -20.82 -8.08
N LYS A 141 13.63 -21.16 -7.09
CA LYS A 141 12.34 -20.51 -6.86
C LYS A 141 12.21 -20.20 -5.38
N ILE A 142 12.43 -18.93 -5.02
CA ILE A 142 12.30 -18.46 -3.65
C ILE A 142 11.06 -17.57 -3.60
N GLY A 143 9.95 -18.12 -3.14
CA GLY A 143 8.74 -17.34 -2.98
C GLY A 143 7.52 -18.17 -3.30
N ILE A 144 6.42 -17.46 -3.55
CA ILE A 144 5.10 -18.07 -3.70
C ILE A 144 4.63 -18.14 -5.15
N MET A 145 5.32 -17.47 -6.07
CA MET A 145 4.87 -17.43 -7.45
C MET A 145 4.69 -18.86 -7.98
N PRO A 146 3.64 -19.12 -8.78
CA PRO A 146 3.48 -20.46 -9.37
C PRO A 146 4.60 -20.73 -10.36
N GLY A 147 5.33 -21.82 -10.15
CA GLY A 147 6.46 -22.13 -11.00
C GLY A 147 6.07 -22.65 -12.36
N HIS A 148 4.89 -23.25 -12.48
CA HIS A 148 4.46 -23.89 -13.73
C HIS A 148 4.13 -22.90 -14.83
N ILE A 149 4.35 -21.59 -14.65
CA ILE A 149 4.18 -20.63 -15.74
C ILE A 149 5.51 -20.07 -16.24
N HIS A 150 6.59 -20.28 -15.52
CA HIS A 150 7.89 -19.75 -15.89
C HIS A 150 8.60 -20.66 -16.88
N LYS A 151 9.61 -20.10 -17.55
CA LYS A 151 10.42 -20.83 -18.51
C LYS A 151 11.67 -20.01 -18.75
N LYS A 152 12.84 -20.60 -18.47
CA LYS A 152 14.10 -19.85 -18.59
C LYS A 152 14.19 -19.23 -19.98
N GLY A 153 14.43 -17.93 -20.00
CA GLY A 153 14.39 -17.19 -21.25
C GLY A 153 15.21 -15.92 -21.19
N ARG A 154 14.78 -14.94 -22.00
CA ARG A 154 15.58 -13.76 -22.32
C ARG A 154 15.07 -12.49 -21.66
N ILE A 155 13.97 -12.54 -20.92
CA ILE A 155 13.29 -11.36 -20.43
C ILE A 155 13.39 -11.33 -18.90
N GLY A 156 13.78 -10.17 -18.37
CA GLY A 156 13.82 -9.96 -16.92
C GLY A 156 12.58 -9.21 -16.48
N ILE A 157 11.91 -9.77 -15.47
CA ILE A 157 10.67 -9.22 -14.93
C ILE A 157 10.97 -8.63 -13.55
N VAL A 158 10.65 -7.35 -13.37
CA VAL A 158 10.66 -6.70 -12.07
C VAL A 158 9.27 -6.14 -11.83
N SER A 159 8.68 -6.46 -10.68
CA SER A 159 7.30 -6.11 -10.41
C SER A 159 7.15 -5.59 -8.98
N ARG A 160 6.47 -4.46 -8.85
CA ARG A 160 6.04 -3.96 -7.56
C ARG A 160 4.70 -4.53 -7.13
N SER A 161 3.91 -5.01 -8.08
CA SER A 161 2.62 -5.61 -7.79
C SER A 161 2.82 -7.02 -7.23
N GLY A 162 1.75 -7.80 -7.18
CA GLY A 162 1.82 -9.15 -6.62
C GLY A 162 1.41 -10.21 -7.61
N THR A 163 0.16 -10.68 -7.50
CA THR A 163 -0.34 -11.66 -8.45
C THR A 163 -0.33 -11.12 -9.87
N LEU A 164 -0.37 -9.80 -10.05
CA LEU A 164 -0.27 -9.22 -11.38
C LEU A 164 1.05 -9.59 -12.05
N THR A 165 2.10 -9.82 -11.25
CA THR A 165 3.39 -10.21 -11.82
C THR A 165 3.26 -11.45 -12.68
N TYR A 166 2.34 -12.35 -12.33
CA TYR A 166 2.25 -13.63 -13.01
C TYR A 166 1.73 -13.47 -14.44
N GLU A 167 0.93 -12.43 -14.69
CA GLU A 167 0.46 -12.18 -16.05
C GLU A 167 1.62 -11.95 -17.00
N ALA A 168 2.54 -11.06 -16.63
CA ALA A 168 3.70 -10.81 -17.49
C ALA A 168 4.53 -12.07 -17.68
N VAL A 169 4.67 -12.87 -16.63
CA VAL A 169 5.43 -14.11 -16.73
C VAL A 169 4.75 -15.09 -17.66
N HIS A 170 3.44 -15.30 -17.45
CA HIS A 170 2.70 -16.25 -18.27
C HIS A 170 2.69 -15.83 -19.73
N GLN A 171 2.75 -14.53 -20.01
CA GLN A 171 2.69 -14.05 -21.38
C GLN A 171 4.03 -14.15 -22.09
N THR A 172 5.14 -13.93 -21.36
CA THR A 172 6.45 -14.05 -21.99
C THR A 172 6.81 -15.51 -22.27
N THR A 173 6.37 -16.44 -21.43
CA THR A 173 6.58 -17.86 -21.75
C THR A 173 5.76 -18.27 -22.95
N GLN A 174 4.52 -17.77 -23.07
CA GLN A 174 3.67 -18.14 -24.19
C GLN A 174 4.27 -17.70 -25.52
N VAL A 175 4.79 -16.46 -25.58
CA VAL A 175 5.42 -15.97 -26.80
C VAL A 175 6.77 -16.64 -27.06
N GLY A 176 7.28 -17.43 -26.13
CA GLY A 176 8.51 -18.15 -26.31
C GLY A 176 9.75 -17.44 -25.83
N LEU A 177 9.63 -16.20 -25.37
CA LEU A 177 10.80 -15.46 -24.90
C LEU A 177 11.27 -15.94 -23.53
N GLY A 178 10.36 -16.44 -22.71
CA GLY A 178 10.72 -16.92 -21.38
C GLY A 178 11.24 -15.83 -20.47
N GLN A 179 11.62 -16.20 -19.25
CA GLN A 179 12.11 -15.26 -18.26
C GLN A 179 13.55 -15.60 -17.90
N SER A 180 14.40 -14.58 -17.81
CA SER A 180 15.75 -14.79 -17.32
C SER A 180 15.77 -14.79 -15.79
N LEU A 181 15.14 -13.80 -15.18
CA LEU A 181 15.04 -13.73 -13.73
C LEU A 181 13.86 -12.82 -13.40
N CYS A 182 12.92 -13.34 -12.61
CA CYS A 182 11.76 -12.58 -12.17
C CYS A 182 11.90 -12.23 -10.70
N VAL A 183 11.75 -10.95 -10.37
CA VAL A 183 11.89 -10.46 -9.01
C VAL A 183 10.65 -9.63 -8.67
N GLY A 184 10.05 -9.93 -7.53
CA GLY A 184 8.97 -9.12 -7.00
C GLY A 184 9.46 -8.33 -5.81
N ILE A 185 9.43 -7.00 -5.90
CA ILE A 185 9.92 -6.16 -4.81
C ILE A 185 8.86 -5.88 -3.75
N GLY A 186 7.61 -6.30 -3.99
CA GLY A 186 6.57 -6.12 -3.00
C GLY A 186 5.91 -4.76 -3.07
N GLY A 187 4.95 -4.56 -2.18
CA GLY A 187 4.14 -3.35 -2.20
C GLY A 187 4.34 -2.46 -1.00
N ASP A 188 5.26 -2.81 -0.11
CA ASP A 188 5.47 -1.99 1.07
C ASP A 188 6.38 -0.80 0.78
N PRO A 189 6.17 0.32 1.46
CA PRO A 189 6.97 1.51 1.14
C PRO A 189 8.44 1.38 1.50
N PHE A 190 8.76 0.68 2.59
CA PHE A 190 10.14 0.49 3.03
C PHE A 190 10.51 -0.97 2.82
N ASN A 191 11.38 -1.21 1.84
CA ASN A 191 11.74 -2.56 1.43
C ASN A 191 13.24 -2.64 1.24
N GLY A 192 13.72 -3.85 0.98
CA GLY A 192 15.15 -4.08 0.82
C GLY A 192 15.65 -3.87 -0.60
N THR A 193 14.78 -3.98 -1.59
CA THR A 193 15.17 -3.88 -2.99
C THR A 193 14.10 -3.12 -3.76
N ASP A 194 14.53 -2.30 -4.71
CA ASP A 194 13.64 -1.46 -5.50
C ASP A 194 13.84 -1.73 -6.99
N PHE A 195 13.13 -0.96 -7.82
CA PHE A 195 13.25 -1.12 -9.27
C PHE A 195 14.68 -0.92 -9.73
N THR A 196 15.32 0.17 -9.30
CA THR A 196 16.64 0.52 -9.79
C THR A 196 17.64 -0.59 -9.51
N ASP A 197 17.44 -1.36 -8.44
CA ASP A 197 18.34 -2.47 -8.13
C ASP A 197 18.20 -3.58 -9.17
N CYS A 198 16.97 -4.00 -9.44
CA CYS A 198 16.76 -5.09 -10.40
C CYS A 198 17.10 -4.67 -11.81
N LEU A 199 16.83 -3.40 -12.17
CA LEU A 199 17.21 -2.92 -13.49
C LEU A 199 18.72 -2.95 -13.66
N GLU A 200 19.46 -2.60 -12.61
CA GLU A 200 20.92 -2.70 -12.67
C GLU A 200 21.36 -4.12 -12.94
N ILE A 201 20.75 -5.10 -12.26
CA ILE A 201 21.06 -6.51 -12.52
C ILE A 201 20.68 -6.87 -13.94
N PHE A 202 19.48 -6.48 -14.37
CA PHE A 202 19.00 -6.85 -15.69
C PHE A 202 19.86 -6.24 -16.79
N LEU A 203 20.19 -4.95 -16.66
CA LEU A 203 20.98 -4.28 -17.68
C LEU A 203 22.39 -4.86 -17.80
N ASN A 204 22.84 -5.65 -16.82
CA ASN A 204 24.18 -6.22 -16.85
C ASN A 204 24.17 -7.75 -16.91
N ASP A 205 23.00 -8.36 -17.09
CA ASP A 205 22.92 -9.81 -17.24
C ASP A 205 22.80 -10.16 -18.72
N PRO A 206 23.74 -10.91 -19.30
CA PRO A 206 23.58 -11.29 -20.71
C PRO A 206 22.29 -12.06 -20.98
N ALA A 207 21.94 -13.00 -20.10
CA ALA A 207 20.71 -13.76 -20.28
C ALA A 207 19.47 -12.86 -20.27
N THR A 208 19.60 -11.63 -19.76
CA THR A 208 18.51 -10.66 -19.76
C THR A 208 18.67 -9.76 -20.99
N GLU A 209 17.85 -10.00 -22.01
CA GLU A 209 17.88 -9.21 -23.23
C GLU A 209 16.72 -8.23 -23.35
N GLY A 210 15.56 -8.58 -22.80
CA GLY A 210 14.45 -7.66 -22.71
C GLY A 210 14.05 -7.47 -21.26
N ILE A 211 13.33 -6.39 -20.96
CA ILE A 211 12.95 -6.09 -19.58
C ILE A 211 11.46 -5.76 -19.54
N ILE A 212 10.78 -6.21 -18.50
CA ILE A 212 9.41 -5.84 -18.21
C ILE A 212 9.37 -5.31 -16.78
N LEU A 213 8.91 -4.08 -16.62
CA LEU A 213 8.70 -3.48 -15.31
C LEU A 213 7.20 -3.36 -15.07
N ILE A 214 6.75 -3.88 -13.93
CA ILE A 214 5.33 -3.86 -13.57
C ILE A 214 5.18 -2.97 -12.35
N GLY A 215 4.32 -1.97 -12.46
CA GLY A 215 4.08 -1.06 -11.36
C GLY A 215 2.61 -0.78 -11.17
N GLU A 216 2.29 0.30 -10.45
CA GLU A 216 0.91 0.70 -10.23
C GLU A 216 0.92 2.14 -9.73
N ILE A 217 -0.25 2.76 -9.79
CA ILE A 217 -0.35 4.16 -9.39
C ILE A 217 0.12 4.33 -7.94
N GLY A 218 0.55 5.54 -7.63
CA GLY A 218 0.98 5.87 -6.29
C GLY A 218 2.48 5.88 -6.13
N GLY A 219 2.99 6.88 -5.41
CA GLY A 219 4.40 6.97 -5.14
C GLY A 219 5.19 7.51 -6.32
N ASN A 220 6.52 7.44 -6.17
CA ASN A 220 7.45 7.84 -7.21
C ASN A 220 8.34 6.69 -7.67
N ALA A 221 8.00 5.45 -7.30
CA ALA A 221 8.83 4.31 -7.65
C ALA A 221 9.10 4.25 -9.15
N GLU A 222 8.04 4.37 -9.95
CA GLU A 222 8.18 4.21 -11.40
C GLU A 222 9.05 5.32 -11.99
N GLU A 223 8.86 6.56 -11.53
CA GLU A 223 9.65 7.67 -12.07
C GLU A 223 11.13 7.48 -11.75
N ASN A 224 11.46 7.08 -10.52
CA ASN A 224 12.86 6.85 -10.18
C ASN A 224 13.47 5.78 -11.08
N ALA A 225 12.72 4.69 -11.32
CA ALA A 225 13.19 3.69 -12.27
C ALA A 225 13.34 4.29 -13.66
N ALA A 226 12.44 5.19 -14.04
CA ALA A 226 12.50 5.81 -15.35
C ALA A 226 13.77 6.63 -15.51
N GLU A 227 14.07 7.49 -14.53
CA GLU A 227 15.26 8.32 -14.63
C GLU A 227 16.52 7.47 -14.69
N PHE A 228 16.51 6.31 -14.06
CA PHE A 228 17.65 5.40 -14.15
C PHE A 228 17.87 4.95 -15.58
N LEU A 229 16.84 4.36 -16.19
CA LEU A 229 16.96 3.90 -17.57
C LEU A 229 17.38 5.04 -18.49
N LYS A 230 16.88 6.25 -18.24
CA LYS A 230 17.23 7.39 -19.06
C LYS A 230 18.71 7.72 -18.99
N GLN A 231 19.40 7.26 -17.94
CA GLN A 231 20.81 7.56 -17.73
C GLN A 231 21.70 6.34 -17.80
N HIS A 232 21.15 5.14 -17.97
CA HIS A 232 21.96 3.92 -18.07
C HIS A 232 21.48 2.94 -19.12
N ASN A 233 20.27 3.07 -19.65
CA ASN A 233 19.76 2.19 -20.69
C ASN A 233 19.59 2.93 -22.02
N SER A 234 20.39 3.96 -22.24
CA SER A 234 20.37 4.74 -23.48
C SER A 234 21.70 4.59 -24.19
N GLY A 235 21.72 4.99 -25.45
CA GLY A 235 22.93 4.97 -26.24
C GLY A 235 23.04 3.75 -27.13
N PRO A 236 24.15 3.02 -27.04
CA PRO A 236 24.37 1.90 -27.96
C PRO A 236 23.60 0.64 -27.58
N LYS A 237 24.23 -0.28 -26.85
CA LYS A 237 23.58 -1.54 -26.51
C LYS A 237 22.49 -1.32 -25.46
N SER A 238 21.39 -0.69 -25.87
CA SER A 238 20.25 -0.48 -24.99
C SER A 238 19.31 -1.68 -25.08
N LYS A 239 18.95 -2.22 -23.94
CA LYS A 239 18.06 -3.38 -23.90
C LYS A 239 16.61 -2.91 -23.93
N PRO A 240 15.77 -3.45 -24.81
CA PRO A 240 14.37 -3.00 -24.85
C PRO A 240 13.68 -3.24 -23.51
N VAL A 241 12.81 -2.31 -23.15
CA VAL A 241 12.10 -2.33 -21.88
C VAL A 241 10.62 -2.09 -22.13
N VAL A 242 9.78 -2.91 -21.50
CA VAL A 242 8.33 -2.80 -21.60
C VAL A 242 7.79 -2.62 -20.18
N SER A 243 6.61 -2.01 -20.07
CA SER A 243 6.04 -1.75 -18.77
C SER A 243 4.52 -1.73 -18.86
N PHE A 244 3.88 -2.06 -17.75
CA PHE A 244 2.45 -1.84 -17.58
C PHE A 244 2.21 -1.33 -16.17
N ILE A 245 1.44 -0.25 -16.07
CA ILE A 245 1.11 0.36 -14.78
C ILE A 245 -0.38 0.15 -14.56
N ALA A 246 -0.72 -0.58 -13.51
CA ALA A 246 -2.10 -0.86 -13.17
C ALA A 246 -2.73 0.34 -12.49
N GLY A 247 -4.01 0.58 -12.77
CA GLY A 247 -4.77 1.59 -12.06
C GLY A 247 -5.04 2.87 -12.82
N LEU A 248 -4.74 2.94 -14.11
CA LEU A 248 -5.08 4.13 -14.87
C LEU A 248 -6.57 4.47 -14.78
N THR A 249 -7.40 3.49 -14.43
CA THR A 249 -8.83 3.69 -14.27
C THR A 249 -9.26 3.76 -12.81
N ALA A 250 -8.30 3.95 -11.89
CA ALA A 250 -8.65 4.05 -10.48
C ALA A 250 -9.20 5.43 -10.16
N PRO A 251 -10.09 5.54 -9.17
CA PRO A 251 -10.67 6.83 -8.83
C PRO A 251 -9.80 7.61 -7.87
N PRO A 252 -10.16 8.85 -7.55
CA PRO A 252 -9.41 9.59 -6.52
C PRO A 252 -9.36 8.82 -5.21
N GLY A 253 -8.43 9.24 -4.36
CA GLY A 253 -8.12 8.48 -3.15
C GLY A 253 -8.68 9.05 -1.87
N ARG A 254 -9.24 10.26 -1.92
CA ARG A 254 -9.77 10.91 -0.72
C ARG A 254 -8.64 11.14 0.29
N ARG A 255 -8.12 12.36 0.35
CA ARG A 255 -6.98 12.68 1.18
C ARG A 255 -7.42 13.01 2.61
N MET A 256 -6.42 13.21 3.47
CA MET A 256 -6.61 13.84 4.77
C MET A 256 -5.26 14.45 5.19
N GLY A 257 -4.80 15.41 4.41
CA GLY A 257 -3.56 16.10 4.70
C GLY A 257 -2.93 16.67 3.45
N HIS A 258 -2.05 17.64 3.66
CA HIS A 258 -1.26 18.23 2.59
C HIS A 258 0.12 17.60 2.46
N ALA A 259 0.51 16.75 3.40
CA ALA A 259 1.89 16.29 3.45
C ALA A 259 2.29 15.59 2.16
N GLY A 260 1.53 14.57 1.75
CA GLY A 260 1.85 13.84 0.54
C GLY A 260 1.99 14.76 -0.66
N ALA A 261 1.07 15.71 -0.82
CA ALA A 261 1.13 16.64 -1.94
C ALA A 261 2.42 17.47 -1.90
N ILE A 262 2.84 17.88 -0.70
CA ILE A 262 3.99 18.76 -0.58
C ILE A 262 5.27 18.01 -0.91
N ILE A 263 5.40 16.77 -0.41
CA ILE A 263 6.58 15.96 -0.74
C ILE A 263 6.57 15.45 -2.17
N ALA A 264 5.45 15.59 -2.87
CA ALA A 264 5.35 15.16 -4.27
C ALA A 264 5.45 16.36 -5.21
N GLY A 265 4.31 16.96 -5.54
CA GLY A 265 4.27 18.09 -6.44
C GLY A 265 3.58 17.76 -7.76
N GLY A 269 1.33 9.24 -9.53
CA GLY A 269 0.55 8.20 -10.18
C GLY A 269 -0.21 8.71 -11.39
N ALA A 270 -0.70 7.76 -12.21
CA ALA A 270 -1.52 8.06 -13.38
C ALA A 270 -0.68 8.46 -14.58
N LYS A 271 -1.17 9.41 -15.38
CA LYS A 271 -0.51 9.75 -16.64
C LYS A 271 0.97 10.07 -16.43
N GLU A 272 1.31 10.76 -15.34
CA GLU A 272 2.69 11.16 -15.12
C GLU A 272 3.62 9.95 -15.08
N LYS A 273 3.21 8.88 -14.39
CA LYS A 273 4.03 7.66 -14.39
C LYS A 273 4.16 7.10 -15.80
N ILE A 274 3.06 7.09 -16.56
CA ILE A 274 3.10 6.54 -17.91
C ILE A 274 4.08 7.32 -18.78
N THR A 275 3.79 8.61 -18.99
CA THR A 275 4.65 9.42 -19.86
C THR A 275 6.07 9.53 -19.33
N ALA A 276 6.27 9.36 -18.02
CA ALA A 276 7.62 9.38 -17.48
C ALA A 276 8.42 8.17 -17.93
N LEU A 277 7.82 6.98 -17.83
CA LEU A 277 8.48 5.78 -18.35
C LEU A 277 8.76 5.92 -19.84
N GLN A 278 7.80 6.48 -20.60
CA GLN A 278 8.01 6.68 -22.02
C GLN A 278 9.23 7.56 -22.29
N SER A 279 9.47 8.54 -21.41
CA SER A 279 10.62 9.43 -21.60
C SER A 279 11.92 8.64 -21.65
N ALA A 280 12.02 7.57 -20.87
CA ALA A 280 13.21 6.74 -20.84
C ALA A 280 13.22 5.71 -21.97
N GLY A 281 12.35 5.86 -22.96
CA GLY A 281 12.30 4.91 -24.06
C GLY A 281 11.59 3.62 -23.76
N VAL A 282 10.74 3.60 -22.74
CA VAL A 282 10.06 2.37 -22.32
C VAL A 282 8.73 2.28 -23.05
N VAL A 283 8.40 1.07 -23.49
CA VAL A 283 7.14 0.80 -24.19
C VAL A 283 6.11 0.38 -23.15
N VAL A 284 5.16 1.26 -22.88
CA VAL A 284 4.12 1.00 -21.89
C VAL A 284 2.95 0.32 -22.58
N SER A 285 2.68 -0.93 -22.20
CA SER A 285 1.52 -1.65 -22.70
C SER A 285 0.28 -1.17 -21.95
N MET A 286 -0.69 -0.61 -22.69
CA MET A 286 -1.89 -0.10 -22.05
C MET A 286 -2.70 -1.23 -21.44
N SER A 287 -2.89 -2.31 -22.19
CA SER A 287 -3.62 -3.43 -21.61
C SER A 287 -2.66 -4.37 -20.88
N PRO A 288 -3.09 -4.95 -19.76
CA PRO A 288 -2.24 -5.94 -19.07
C PRO A 288 -2.14 -7.27 -19.80
N ALA A 289 -2.99 -7.50 -20.80
CA ALA A 289 -3.01 -8.78 -21.49
C ALA A 289 -1.96 -8.89 -22.59
N GLN A 290 -1.47 -7.76 -23.09
CA GLN A 290 -0.53 -7.74 -24.21
C GLN A 290 0.87 -7.28 -23.77
N LEU A 291 1.29 -7.70 -22.58
CA LEU A 291 2.68 -7.50 -22.19
C LEU A 291 3.60 -8.44 -22.94
N GLY A 292 3.21 -9.70 -23.08
CA GLY A 292 4.01 -10.64 -23.85
C GLY A 292 4.06 -10.30 -25.32
N THR A 293 2.90 -9.94 -25.90
CA THR A 293 2.86 -9.61 -27.31
C THR A 293 3.62 -8.33 -27.64
N THR A 294 3.90 -7.50 -26.63
CA THR A 294 4.62 -6.25 -26.86
C THR A 294 6.12 -6.45 -26.85
N ILE A 295 6.66 -6.94 -25.74
CA ILE A 295 8.10 -7.21 -25.65
C ILE A 295 8.55 -8.06 -26.84
N TYR A 296 7.69 -8.99 -27.27
CA TYR A 296 8.00 -9.79 -28.44
C TYR A 296 8.28 -8.92 -29.65
N LYS A 297 7.41 -7.96 -29.92
CA LYS A 297 7.56 -7.13 -31.11
C LYS A 297 8.74 -6.18 -30.99
N GLU A 298 8.96 -5.61 -29.80
CA GLU A 298 10.15 -4.79 -29.60
C GLU A 298 11.41 -5.57 -29.90
N PHE A 299 11.39 -6.89 -29.67
CA PHE A 299 12.52 -7.73 -30.06
C PHE A 299 12.63 -7.82 -31.58
N GLU A 300 11.50 -7.93 -32.27
CA GLU A 300 11.52 -7.99 -33.73
C GLU A 300 11.87 -6.65 -34.35
N LYS A 301 11.47 -5.55 -33.72
CA LYS A 301 11.80 -4.22 -34.23
C LYS A 301 13.30 -4.08 -34.47
N ARG A 302 14.12 -4.74 -33.65
CA ARG A 302 15.57 -4.67 -33.76
C ARG A 302 16.18 -6.05 -34.00
N LYS A 303 15.42 -6.95 -34.63
CA LYS A 303 15.91 -8.25 -35.07
C LYS A 303 16.72 -8.95 -34.00
N MET A 304 16.03 -9.52 -32.99
CA MET A 304 16.68 -10.25 -31.92
C MET A 304 16.16 -11.66 -31.74
N LEU A 305 15.06 -12.03 -32.41
CA LEU A 305 14.46 -13.34 -32.23
C LEU A 305 15.46 -14.46 -32.53
N MET B 1 -5.12 4.09 8.06
CA MET B 1 -6.39 4.51 8.73
C MET B 1 -6.39 6.01 8.99
N ASN B 2 -7.55 6.56 9.31
CA ASN B 2 -7.67 7.99 9.59
C ASN B 2 -8.72 8.21 10.67
N LEU B 3 -8.37 9.01 11.68
CA LEU B 3 -9.30 9.37 12.74
C LEU B 3 -9.69 10.83 12.61
N GLN B 4 -10.87 11.16 13.14
CA GLN B 4 -11.36 12.53 13.11
C GLN B 4 -10.47 13.42 13.99
N GLU B 5 -10.46 14.71 13.66
CA GLU B 5 -9.70 15.69 14.44
C GLU B 5 -9.92 15.50 15.94
N TYR B 6 -11.18 15.52 16.38
CA TYR B 6 -11.45 15.49 17.81
C TYR B 6 -10.89 14.24 18.47
N GLN B 7 -10.83 13.13 17.74
CA GLN B 7 -10.23 11.91 18.27
C GLN B 7 -8.70 12.02 18.28
N SER B 8 -8.12 12.56 17.22
CA SER B 8 -6.68 12.76 17.18
C SER B 8 -6.23 13.75 18.25
N LYS B 9 -7.07 14.73 18.55
CA LYS B 9 -6.69 15.76 19.52
C LYS B 9 -6.74 15.25 20.95
N LYS B 10 -7.68 14.36 21.26
CA LYS B 10 -7.70 13.74 22.58
C LYS B 10 -6.46 12.88 22.79
N LEU B 11 -6.01 12.18 21.76
CA LEU B 11 -4.73 11.48 21.83
C LEU B 11 -3.60 12.46 22.10
N MET B 12 -3.61 13.60 21.42
CA MET B 12 -2.60 14.62 21.66
C MET B 12 -2.66 15.11 23.10
N SER B 13 -3.86 15.27 23.65
CA SER B 13 -3.99 15.74 25.02
C SER B 13 -3.34 14.78 26.00
N ASP B 14 -3.61 13.48 25.86
CA ASP B 14 -3.09 12.49 26.80
C ASP B 14 -1.59 12.29 26.67
N ASN B 15 -0.92 12.96 25.74
CA ASN B 15 0.50 12.76 25.48
C ASN B 15 1.25 14.09 25.45
N GLY B 16 0.85 15.03 26.29
CA GLY B 16 1.59 16.26 26.46
C GLY B 16 1.49 17.27 25.33
N VAL B 17 0.69 16.99 24.31
CA VAL B 17 0.47 17.93 23.21
C VAL B 17 -0.72 18.80 23.56
N LYS B 18 -0.54 20.11 23.51
CA LYS B 18 -1.58 21.04 23.96
C LYS B 18 -2.46 21.44 22.80
N VAL B 19 -3.78 21.43 23.03
CA VAL B 19 -4.79 21.77 22.03
C VAL B 19 -5.92 22.48 22.75
N GLN B 20 -6.91 22.95 21.97
CA GLN B 20 -8.06 23.60 22.56
C GLN B 20 -8.94 22.58 23.27
N ARG B 21 -9.57 23.02 24.36
CA ARG B 21 -10.57 22.21 25.04
C ARG B 21 -11.86 22.22 24.24
N PHE B 22 -12.51 21.06 24.15
CA PHE B 22 -13.63 20.91 23.24
C PHE B 22 -14.66 19.95 23.81
N PHE B 23 -15.85 20.00 23.23
CA PHE B 23 -16.94 19.06 23.50
C PHE B 23 -17.52 18.60 22.17
N VAL B 24 -17.91 17.33 22.11
CA VAL B 24 -18.49 16.75 20.91
C VAL B 24 -20.00 16.75 21.05
N ALA B 25 -20.69 16.82 19.91
CA ALA B 25 -22.14 16.85 19.91
C ALA B 25 -22.64 16.18 18.64
N ASP B 26 -23.68 15.36 18.78
CA ASP B 26 -24.27 14.67 17.65
C ASP B 26 -25.33 15.52 16.96
N THR B 27 -26.14 16.24 17.74
CA THR B 27 -27.20 17.09 17.21
C THR B 27 -26.77 18.55 17.24
N ALA B 28 -27.51 19.38 16.50
CA ALA B 28 -27.21 20.80 16.43
C ALA B 28 -27.64 21.55 17.68
N ASN B 29 -28.57 20.99 18.47
CA ASN B 29 -28.94 21.62 19.73
C ASN B 29 -27.88 21.35 20.80
N GLU B 30 -27.37 20.12 20.87
CA GLU B 30 -26.30 19.81 21.81
C GLU B 30 -25.07 20.65 21.52
N ALA B 31 -24.78 20.92 20.23
CA ALA B 31 -23.67 21.79 19.89
C ALA B 31 -23.87 23.20 20.44
N LEU B 32 -25.12 23.66 20.51
CA LEU B 32 -25.41 24.99 21.03
C LEU B 32 -25.31 25.00 22.55
N GLU B 33 -25.93 24.04 23.22
CA GLU B 33 -25.83 23.97 24.68
C GLU B 33 -24.43 23.55 25.12
N ALA B 34 -23.77 22.69 24.34
CA ALA B 34 -22.38 22.34 24.67
C ALA B 34 -21.46 23.53 24.48
N ALA B 35 -21.72 24.35 23.45
CA ALA B 35 -20.98 25.59 23.30
C ALA B 35 -21.23 26.52 24.48
N LYS B 36 -22.43 26.44 25.09
CA LYS B 36 -22.71 27.21 26.30
C LYS B 36 -21.97 26.59 27.50
N ARG B 37 -21.86 25.27 27.53
CA ARG B 37 -21.14 24.60 28.60
C ARG B 37 -19.64 24.93 28.56
N LEU B 38 -19.10 25.14 27.36
CA LEU B 38 -17.67 25.43 27.24
C LEU B 38 -17.29 26.65 28.07
N ASN B 39 -18.10 27.69 28.03
CA ASN B 39 -17.80 28.93 28.75
C ASN B 39 -16.48 29.51 28.25
N ALA B 40 -16.52 30.21 27.13
CA ALA B 40 -15.31 30.80 26.54
C ALA B 40 -15.72 32.02 25.71
N LYS B 41 -14.81 33.00 25.64
CA LYS B 41 -15.04 34.20 24.86
C LYS B 41 -15.45 33.83 23.43
N GLU B 42 -14.48 33.49 22.60
CA GLU B 42 -14.72 33.10 21.21
C GLU B 42 -14.69 31.59 21.10
N ILE B 43 -15.61 31.04 20.31
CA ILE B 43 -15.72 29.60 20.12
C ILE B 43 -15.64 29.30 18.64
N VAL B 44 -14.97 28.19 18.31
CA VAL B 44 -14.79 27.74 16.93
C VAL B 44 -15.57 26.45 16.74
N LEU B 45 -16.22 26.34 15.58
CA LEU B 45 -17.01 25.16 15.23
C LEU B 45 -16.37 24.51 14.00
N LYS B 46 -16.21 23.19 14.06
CA LYS B 46 -15.53 22.45 13.01
C LYS B 46 -16.35 21.22 12.63
N ALA B 47 -16.39 20.94 11.34
CA ALA B 47 -17.01 19.72 10.83
C ALA B 47 -15.98 18.60 10.83
N GLN B 48 -16.37 17.44 11.33
CA GLN B 48 -15.46 16.30 11.44
C GLN B 48 -15.68 15.38 10.23
N ILE B 49 -14.69 15.32 9.35
CA ILE B 49 -14.69 14.43 8.21
C ILE B 49 -13.27 13.98 7.94
N LEU B 50 -13.11 12.72 7.54
CA LEU B 50 -11.78 12.21 7.21
C LEU B 50 -11.25 12.90 5.97
N ALA B 51 -10.98 14.19 6.07
CA ALA B 51 -10.52 14.97 4.93
C ALA B 51 -10.13 16.35 5.39
N GLY B 52 -9.18 16.96 4.66
CA GLY B 52 -8.73 18.30 4.93
C GLY B 52 -9.43 19.33 4.05
N GLY B 53 -8.84 20.52 3.98
CA GLY B 53 -9.42 21.58 3.20
C GLY B 53 -10.83 21.95 3.60
N ARG B 54 -11.25 21.61 4.82
CA ARG B 54 -12.60 21.94 5.26
C ARG B 54 -12.84 23.44 5.22
N GLY B 55 -11.83 24.23 5.59
CA GLY B 55 -12.03 25.66 5.68
C GLY B 55 -12.53 26.28 4.39
N LYS B 56 -11.86 25.96 3.28
CA LYS B 56 -12.19 26.54 1.98
C LYS B 56 -13.26 25.75 1.24
N GLY B 57 -14.02 24.90 1.94
CA GLY B 57 -14.98 24.04 1.29
C GLY B 57 -16.37 24.65 1.17
N VAL B 58 -17.20 23.99 0.37
CA VAL B 58 -18.60 24.36 0.20
C VAL B 58 -19.44 23.34 0.95
N PHE B 59 -20.76 23.48 0.91
CA PHE B 59 -21.66 22.58 1.61
C PHE B 59 -22.85 22.25 0.74
N SER B 60 -23.36 21.02 0.91
CA SER B 60 -24.65 20.68 0.30
C SER B 60 -25.73 21.64 0.76
N SER B 61 -25.64 22.12 2.00
CA SER B 61 -26.53 23.16 2.50
C SER B 61 -26.20 24.54 1.92
N GLY B 62 -25.14 24.65 1.14
CA GLY B 62 -24.68 25.96 0.69
C GLY B 62 -24.10 26.81 1.79
N LEU B 63 -23.69 26.19 2.91
CA LEU B 63 -23.17 26.97 4.03
C LEU B 63 -21.86 27.66 3.69
N LYS B 64 -21.09 27.09 2.75
CA LYS B 64 -19.83 27.71 2.34
C LYS B 64 -18.89 27.89 3.53
N GLY B 65 -18.01 26.92 3.75
CA GLY B 65 -17.05 27.02 4.83
C GLY B 65 -17.19 25.91 5.86
N GLY B 66 -16.20 25.01 5.89
CA GLY B 66 -16.22 23.90 6.84
C GLY B 66 -15.83 24.26 8.25
N VAL B 67 -15.25 25.44 8.46
CA VAL B 67 -14.86 25.90 9.79
C VAL B 67 -15.23 27.38 9.92
N HIS B 68 -15.78 27.73 11.07
CA HIS B 68 -16.16 29.11 11.37
C HIS B 68 -16.06 29.31 12.87
N LEU B 69 -16.09 30.57 13.29
CA LEU B 69 -16.05 30.90 14.71
C LEU B 69 -16.82 32.19 14.96
N THR B 70 -17.24 32.36 16.20
CA THR B 70 -18.04 33.50 16.61
C THR B 70 -18.09 33.51 18.13
N LYS B 71 -18.41 34.67 18.69
CA LYS B 71 -18.52 34.83 20.13
C LYS B 71 -19.93 34.62 20.65
N ASP B 72 -20.87 34.24 19.78
CA ASP B 72 -22.26 34.07 20.16
C ASP B 72 -22.64 32.59 20.09
N PRO B 73 -22.85 31.91 21.22
CA PRO B 73 -23.17 30.48 21.15
C PRO B 73 -24.39 30.17 20.30
N GLU B 74 -25.45 30.98 20.40
CA GLU B 74 -26.65 30.72 19.60
C GLU B 74 -26.32 30.60 18.12
N VAL B 75 -25.26 31.28 17.66
CA VAL B 75 -24.84 31.14 16.28
C VAL B 75 -24.21 29.78 16.02
N VAL B 76 -23.77 29.08 17.08
CA VAL B 76 -23.23 27.73 16.91
C VAL B 76 -24.30 26.81 16.33
N GLY B 77 -25.39 26.63 17.09
CA GLY B 77 -26.50 25.82 16.58
C GLY B 77 -27.04 26.35 15.26
N GLN B 78 -27.18 27.67 15.15
CA GLN B 78 -27.61 28.27 13.90
C GLN B 78 -26.74 27.82 12.73
N LEU B 79 -25.43 27.74 12.96
CA LEU B 79 -24.50 27.30 11.93
C LEU B 79 -24.27 25.80 11.97
N ALA B 80 -24.54 25.15 13.10
CA ALA B 80 -24.36 23.70 13.20
C ALA B 80 -25.48 22.95 12.49
N LYS B 81 -26.72 23.41 12.65
CA LYS B 81 -27.84 22.78 11.94
C LYS B 81 -27.58 22.70 10.45
N GLN B 82 -26.86 23.67 9.90
CA GLN B 82 -26.69 23.82 8.47
C GLN B 82 -25.61 22.90 7.89
N MET B 83 -25.13 21.91 8.63
CA MET B 83 -24.14 21.00 8.09
C MET B 83 -24.22 19.59 8.67
N ILE B 84 -24.80 19.42 9.85
CA ILE B 84 -24.98 18.08 10.41
C ILE B 84 -25.88 17.29 9.49
N GLY B 85 -25.30 16.37 8.72
CA GLY B 85 -26.03 15.55 7.77
C GLY B 85 -25.82 15.93 6.33
N TYR B 86 -25.17 17.05 6.05
CA TYR B 86 -24.89 17.50 4.69
C TYR B 86 -23.52 17.00 4.25
N ASN B 87 -23.29 17.07 2.94
CA ASN B 87 -22.03 16.65 2.35
C ASN B 87 -21.10 17.86 2.25
N LEU B 88 -20.01 17.82 3.02
CA LEU B 88 -18.97 18.85 2.95
C LEU B 88 -17.99 18.48 1.86
N ALA B 89 -17.82 19.38 0.88
CA ALA B 89 -16.95 19.15 -0.26
C ALA B 89 -15.74 20.07 -0.16
N THR B 90 -14.55 19.51 -0.39
CA THR B 90 -13.30 20.24 -0.35
C THR B 90 -12.47 19.81 -1.55
N LYS B 91 -11.31 20.44 -1.72
CA LYS B 91 -10.40 20.05 -2.79
C LYS B 91 -9.72 18.72 -2.52
N GLN B 92 -10.07 18.03 -1.42
CA GLN B 92 -9.59 16.70 -1.14
C GLN B 92 -10.68 15.63 -1.21
N THR B 93 -11.96 16.03 -1.21
CA THR B 93 -13.06 15.10 -1.29
C THR B 93 -13.42 14.81 -2.75
N PRO B 94 -14.10 13.69 -3.02
CA PRO B 94 -14.47 13.36 -4.41
C PRO B 94 -15.70 14.13 -4.88
N LYS B 95 -15.59 15.46 -4.90
CA LYS B 95 -16.60 16.33 -5.50
C LYS B 95 -17.93 16.27 -4.75
N GLU B 96 -18.53 15.07 -4.64
CA GLU B 96 -19.77 14.95 -3.89
C GLU B 96 -19.58 15.36 -2.44
N GLY B 97 -18.41 15.10 -1.87
CA GLY B 97 -18.12 15.44 -0.50
C GLY B 97 -18.23 14.26 0.44
N VAL B 98 -18.40 14.59 1.71
CA VAL B 98 -18.49 13.60 2.78
C VAL B 98 -19.64 13.99 3.70
N LYS B 99 -20.51 13.04 4.02
CA LYS B 99 -21.61 13.30 4.93
C LYS B 99 -21.08 13.67 6.31
N VAL B 100 -21.39 14.88 6.76
CA VAL B 100 -20.96 15.34 8.07
C VAL B 100 -21.93 14.83 9.11
N ASN B 101 -21.42 14.62 10.33
CA ASN B 101 -22.24 14.10 11.43
C ASN B 101 -21.77 14.64 12.76
N MET B 104 -17.45 19.47 16.28
CA MET B 104 -16.75 19.82 17.51
C MET B 104 -16.86 21.30 17.82
N VAL B 105 -17.13 21.62 19.08
CA VAL B 105 -17.12 22.99 19.57
C VAL B 105 -15.97 23.11 20.57
N ALA B 106 -15.00 23.95 20.27
CA ALA B 106 -13.80 24.10 21.08
C ALA B 106 -13.59 25.57 21.41
N GLU B 107 -12.94 25.81 22.56
CA GLU B 107 -12.56 27.16 22.95
C GLU B 107 -11.64 27.75 21.89
N ALA B 108 -12.17 28.60 21.03
CA ALA B 108 -11.34 29.22 20.01
C ALA B 108 -10.26 30.08 20.68
N LEU B 109 -9.05 29.98 20.16
CA LEU B 109 -7.93 30.79 20.62
C LEU B 109 -7.50 31.73 19.51
N ASP B 110 -6.91 32.86 19.91
CA ASP B 110 -6.53 33.88 18.95
C ASP B 110 -5.21 33.51 18.28
N ILE B 111 -5.12 33.75 16.98
CA ILE B 111 -3.97 33.36 16.18
C ILE B 111 -3.18 34.61 15.82
N SER B 112 -1.88 34.58 16.07
CA SER B 112 -0.96 35.64 15.69
C SER B 112 0.09 35.19 14.69
N ARG B 113 0.21 33.88 14.43
CA ARG B 113 1.15 33.36 13.44
C ARG B 113 0.86 31.90 13.17
N GLU B 114 0.75 31.52 11.90
CA GLU B 114 0.43 30.17 11.49
C GLU B 114 1.63 29.54 10.80
N THR B 115 1.99 28.33 11.23
CA THR B 115 3.06 27.56 10.62
C THR B 115 2.55 26.15 10.35
N TYR B 116 3.04 25.57 9.26
CA TYR B 116 2.73 24.20 8.91
C TYR B 116 3.77 23.27 9.51
N LEU B 117 3.32 22.20 10.15
CA LEU B 117 4.21 21.18 10.69
C LEU B 117 3.61 19.80 10.42
N ALA B 118 4.46 18.87 9.99
CA ALA B 118 4.03 17.52 9.72
C ALA B 118 5.18 16.55 9.97
N ILE B 119 4.86 15.43 10.61
CA ILE B 119 5.78 14.32 10.80
C ILE B 119 5.22 13.12 10.04
N LEU B 120 6.11 12.37 9.39
CA LEU B 120 5.65 11.27 8.55
C LEU B 120 6.79 10.33 8.22
N MET B 121 6.43 9.15 7.76
CA MET B 121 7.37 8.20 7.19
C MET B 121 7.43 8.40 5.68
N ASP B 122 8.63 8.63 5.15
CA ASP B 122 8.81 8.91 3.74
C ASP B 122 9.97 8.08 3.20
N ARG B 123 9.74 7.36 2.11
CA ARG B 123 10.75 6.46 1.57
C ARG B 123 12.03 7.22 1.24
N SER B 124 11.92 8.29 0.44
CA SER B 124 13.10 9.02 0.02
C SER B 124 13.97 9.41 1.22
N CYS B 125 13.35 9.76 2.34
CA CYS B 125 14.07 10.12 3.55
C CYS B 125 14.34 8.91 4.45
N ASN B 126 13.92 7.72 4.04
CA ASN B 126 14.30 6.46 4.69
C ASN B 126 13.90 6.44 6.17
N GLY B 127 12.76 7.03 6.49
CA GLY B 127 12.28 7.03 7.85
C GLY B 127 11.55 8.31 8.19
N PRO B 128 11.49 8.64 9.49
CA PRO B 128 10.73 9.83 9.90
C PRO B 128 11.33 11.10 9.32
N VAL B 129 10.46 12.09 9.11
CA VAL B 129 10.85 13.40 8.61
C VAL B 129 10.04 14.45 9.33
N LEU B 130 10.68 15.58 9.64
CA LEU B 130 9.97 16.78 10.08
C LEU B 130 9.75 17.66 8.86
N VAL B 131 8.49 17.79 8.45
CA VAL B 131 8.11 18.63 7.33
C VAL B 131 7.43 19.86 7.90
N GLY B 132 8.04 21.02 7.72
CA GLY B 132 7.51 22.25 8.27
C GLY B 132 7.66 23.42 7.32
N SER B 133 6.88 24.46 7.59
CA SER B 133 6.93 25.70 6.83
C SER B 133 6.48 26.82 7.76
N PRO B 134 7.17 27.96 7.77
CA PRO B 134 6.71 29.07 8.62
C PRO B 134 5.39 29.66 8.15
N GLN B 135 5.11 29.62 6.85
CA GLN B 135 3.87 30.13 6.29
C GLN B 135 2.91 28.95 6.12
N GLY B 136 2.23 28.61 7.21
CA GLY B 136 1.23 27.58 7.23
C GLY B 136 -0.13 28.11 6.84
N GLY B 137 -1.18 27.46 7.35
CA GLY B 137 -2.54 27.82 7.04
C GLY B 137 -3.10 26.98 5.92
N VAL B 138 -4.33 27.34 5.51
CA VAL B 138 -5.02 26.58 4.48
C VAL B 138 -4.26 26.63 3.16
N ASP B 139 -3.59 27.74 2.88
CA ASP B 139 -2.91 27.92 1.60
C ASP B 139 -1.53 27.31 1.59
N ILE B 140 -1.32 26.25 2.37
CA ILE B 140 0.02 25.68 2.50
C ILE B 140 0.49 25.10 1.17
N GLU B 141 -0.37 24.33 0.50
CA GLU B 141 0.05 23.67 -0.73
C GLU B 141 0.42 24.70 -1.80
N GLU B 142 -0.35 25.78 -1.91
CA GLU B 142 0.01 26.86 -2.83
C GLU B 142 1.36 27.45 -2.47
N VAL B 143 1.53 27.84 -1.20
CA VAL B 143 2.82 28.35 -0.75
C VAL B 143 3.91 27.31 -0.97
N ALA B 144 3.57 26.04 -0.80
CA ALA B 144 4.55 24.99 -1.03
C ALA B 144 4.96 24.91 -2.50
N ALA B 145 4.04 25.25 -3.41
CA ALA B 145 4.32 25.15 -4.83
C ALA B 145 5.03 26.40 -5.35
N SER B 146 4.52 27.58 -4.98
CA SER B 146 5.07 28.82 -5.53
C SER B 146 6.47 29.10 -4.97
N ASN B 147 6.73 28.73 -3.72
CA ASN B 147 8.03 28.97 -3.08
C ASN B 147 8.44 27.69 -2.36
N PRO B 148 9.07 26.75 -3.07
CA PRO B 148 9.52 25.52 -2.40
C PRO B 148 10.47 25.77 -1.23
N GLU B 149 11.33 26.78 -1.35
CA GLU B 149 12.33 27.05 -0.31
C GLU B 149 11.69 27.41 1.03
N LEU B 150 10.39 27.67 1.06
CA LEU B 150 9.68 27.93 2.31
C LEU B 150 9.37 26.65 3.08
N ILE B 151 9.79 25.49 2.59
CA ILE B 151 9.47 24.21 3.19
C ILE B 151 10.76 23.58 3.70
N PHE B 152 10.81 23.30 5.00
CA PHE B 152 11.99 22.78 5.65
C PHE B 152 11.78 21.33 6.04
N LYS B 153 12.74 20.47 5.69
CA LYS B 153 12.70 19.04 6.01
C LYS B 153 13.86 18.71 6.94
N GLU B 154 13.56 17.90 7.95
CA GLU B 154 14.57 17.44 8.91
C GLU B 154 14.37 15.95 9.12
N GLN B 155 15.29 15.14 8.57
CA GLN B 155 15.21 13.70 8.75
C GLN B 155 15.60 13.32 10.18
N ILE B 156 14.88 12.35 10.73
CA ILE B 156 15.11 11.88 12.10
C ILE B 156 15.63 10.46 12.03
N ASP B 157 16.62 10.16 12.86
CA ASP B 157 17.17 8.82 12.95
C ASP B 157 16.28 7.97 13.84
N ILE B 158 15.73 6.88 13.29
CA ILE B 158 14.79 6.04 14.01
C ILE B 158 15.40 5.44 15.27
N ILE B 159 16.73 5.33 15.33
CA ILE B 159 17.39 4.77 16.50
C ILE B 159 17.69 5.85 17.53
N GLU B 160 18.29 6.97 17.08
CA GLU B 160 18.60 8.05 18.00
C GLU B 160 17.35 8.84 18.38
N GLY B 161 16.40 8.97 17.48
CA GLY B 161 15.20 9.73 17.75
C GLY B 161 15.40 11.22 17.61
N ILE B 162 14.40 11.96 18.08
CA ILE B 162 14.35 13.41 17.92
C ILE B 162 15.41 14.03 18.82
N LYS B 163 16.40 14.68 18.20
CA LYS B 163 17.45 15.37 18.94
C LYS B 163 17.01 16.81 19.23
N ASP B 164 17.39 17.30 20.42
CA ASP B 164 17.08 18.69 20.77
C ASP B 164 17.58 19.65 19.69
N SER B 165 18.76 19.38 19.13
CA SER B 165 19.29 20.25 18.10
C SER B 165 18.41 20.27 16.87
N GLN B 166 17.72 19.17 16.58
CA GLN B 166 16.81 19.14 15.44
C GLN B 166 15.50 19.87 15.75
N ALA B 167 14.95 19.65 16.95
CA ALA B 167 13.73 20.35 17.32
C ALA B 167 13.95 21.86 17.34
N GLN B 168 15.10 22.31 17.84
CA GLN B 168 15.38 23.74 17.90
C GLN B 168 15.52 24.33 16.51
N ARG B 169 16.18 23.61 15.60
CA ARG B 169 16.37 24.13 14.24
C ARG B 169 15.02 24.27 13.53
N MET B 170 14.20 23.23 13.57
CA MET B 170 12.88 23.32 12.97
C MET B 170 12.08 24.47 13.59
N ALA B 171 12.03 24.53 14.93
CA ALA B 171 11.34 25.62 15.58
C ALA B 171 11.83 26.97 15.09
N GLU B 172 13.15 27.09 14.89
CA GLU B 172 13.70 28.34 14.39
C GLU B 172 13.33 28.57 12.93
N ASN B 173 13.34 27.51 12.12
CA ASN B 173 12.96 27.66 10.71
C ASN B 173 11.49 28.01 10.56
N LEU B 174 10.63 27.51 11.46
CA LEU B 174 9.24 27.93 11.47
C LEU B 174 9.06 29.35 12.00
N GLY B 175 10.13 30.02 12.39
CA GLY B 175 10.06 31.40 12.82
C GLY B 175 9.80 31.61 14.29
N PHE B 176 9.80 30.55 15.10
CA PHE B 176 9.58 30.69 16.53
C PHE B 176 10.81 31.32 17.16
N LEU B 177 10.72 32.61 17.49
CA LEU B 177 11.82 33.33 18.09
C LEU B 177 11.72 33.28 19.61
N GLY B 178 12.69 33.92 20.28
CA GLY B 178 12.65 34.11 21.71
C GLY B 178 12.25 32.86 22.47
N PRO B 179 11.56 33.04 23.60
CA PRO B 179 11.21 31.87 24.41
C PRO B 179 10.34 30.86 23.67
N LEU B 180 9.53 31.31 22.69
CA LEU B 180 8.70 30.38 21.93
C LEU B 180 9.54 29.26 21.32
N GLN B 181 10.78 29.56 20.94
CA GLN B 181 11.60 28.55 20.26
C GLN B 181 11.73 27.28 21.10
N ASN B 182 11.81 27.41 22.42
CA ASN B 182 11.92 26.24 23.28
C ASN B 182 10.57 25.53 23.43
N GLN B 183 9.51 26.30 23.66
CA GLN B 183 8.19 25.69 23.80
C GLN B 183 7.78 24.96 22.53
N ALA B 184 8.02 25.57 21.38
CA ALA B 184 7.71 24.91 20.10
C ALA B 184 8.56 23.67 19.91
N ALA B 185 9.89 23.81 20.07
CA ALA B 185 10.77 22.65 19.94
C ALA B 185 10.32 21.50 20.82
N ASP B 186 9.92 21.80 22.06
CA ASP B 186 9.42 20.77 22.95
C ASP B 186 8.14 20.15 22.39
N GLN B 187 7.22 20.98 21.88
CA GLN B 187 6.03 20.45 21.23
C GLN B 187 6.38 19.60 20.01
N ILE B 188 7.44 19.95 19.31
CA ILE B 188 7.89 19.11 18.20
C ILE B 188 8.37 17.77 18.72
N LYS B 189 9.17 17.78 19.79
CA LYS B 189 9.63 16.53 20.38
C LYS B 189 8.46 15.72 20.92
N LYS B 190 7.46 16.39 21.50
CA LYS B 190 6.30 15.67 22.02
C LYS B 190 5.41 15.14 20.91
N LEU B 191 5.38 15.82 19.76
CA LEU B 191 4.64 15.30 18.62
C LEU B 191 5.33 14.09 18.03
N TYR B 192 6.65 14.18 17.83
CA TYR B 192 7.39 13.05 17.27
C TYR B 192 7.24 11.80 18.14
N ASN B 193 7.38 11.96 19.46
CA ASN B 193 7.23 10.82 20.34
C ASN B 193 5.86 10.19 20.22
N LEU B 194 4.81 11.02 20.17
CA LEU B 194 3.47 10.50 19.92
C LEU B 194 3.38 9.82 18.56
N PHE B 195 3.96 10.46 17.53
CA PHE B 195 3.98 9.88 16.20
C PHE B 195 4.51 8.45 16.20
N LEU B 196 5.55 8.19 16.99
CA LEU B 196 6.09 6.83 17.09
C LEU B 196 5.22 5.94 17.97
N LYS B 197 4.69 6.49 19.06
CA LYS B 197 3.90 5.70 19.99
C LYS B 197 2.70 5.05 19.31
N ILE B 198 2.03 5.78 18.41
CA ILE B 198 0.75 5.37 17.87
C ILE B 198 0.89 4.69 16.51
N ASP B 199 2.11 4.49 16.02
CA ASP B 199 2.34 3.89 14.71
C ASP B 199 1.59 4.67 13.63
N ALA B 200 1.90 5.96 13.57
CA ALA B 200 1.32 6.86 12.58
C ALA B 200 2.24 6.96 11.37
N THR B 201 1.66 6.92 10.18
CA THR B 201 2.41 7.24 8.97
C THR B 201 2.45 8.74 8.73
N GLN B 202 1.57 9.50 9.36
CA GLN B 202 1.53 10.94 9.18
C GLN B 202 0.88 11.58 10.41
N VAL B 203 1.49 12.67 10.89
CA VAL B 203 0.87 13.57 11.85
C VAL B 203 1.03 14.97 11.29
N GLU B 204 -0.05 15.58 10.84
CA GLU B 204 -0.03 16.91 10.24
C GLU B 204 -0.72 17.90 11.18
N VAL B 205 -0.01 18.97 11.50
CA VAL B 205 -0.53 20.05 12.32
C VAL B 205 -0.52 21.32 11.49
N ASN B 206 -1.68 21.74 11.03
CA ASN B 206 -1.80 22.91 10.18
C ASN B 206 -3.05 23.68 10.57
N PRO B 207 -2.92 24.86 11.21
CA PRO B 207 -1.67 25.54 11.55
C PRO B 207 -1.06 25.08 12.87
N PHE B 208 0.27 25.01 12.91
CA PHE B 208 1.01 24.89 14.16
C PHE B 208 1.10 26.31 14.73
N GLY B 209 0.20 26.63 15.65
CA GLY B 209 -0.14 28.02 15.90
C GLY B 209 0.64 28.67 17.03
N GLU B 210 0.72 30.00 16.95
CA GLU B 210 1.32 30.85 17.96
C GLU B 210 0.29 31.89 18.39
N THR B 211 -0.09 31.86 19.68
CA THR B 211 -1.11 32.77 20.16
C THR B 211 -0.50 34.08 20.64
N PRO B 212 -1.29 35.16 20.67
CA PRO B 212 -0.77 36.43 21.19
C PRO B 212 -0.28 36.33 22.62
N GLU B 213 -0.77 35.36 23.39
CA GLU B 213 -0.33 35.14 24.76
C GLU B 213 0.89 34.24 24.87
N GLY B 214 1.60 34.03 23.76
CA GLY B 214 2.81 33.23 23.79
C GLY B 214 2.58 31.76 24.04
N GLN B 215 1.57 31.17 23.39
CA GLN B 215 1.28 29.75 23.51
C GLN B 215 1.40 29.09 22.16
N VAL B 216 2.12 27.97 22.11
CA VAL B 216 2.27 27.16 20.91
C VAL B 216 1.21 26.07 20.96
N VAL B 217 0.20 26.17 20.10
CA VAL B 217 -0.94 25.27 20.11
C VAL B 217 -1.05 24.59 18.76
N CYS B 218 -1.53 23.35 18.78
CA CYS B 218 -1.88 22.62 17.56
C CYS B 218 -3.36 22.85 17.30
N PHE B 219 -3.67 23.67 16.29
CA PHE B 219 -5.05 24.04 16.03
C PHE B 219 -5.77 23.00 15.17
N ASP B 220 -5.05 22.16 14.45
CA ASP B 220 -5.67 21.11 13.66
C ASP B 220 -4.82 19.85 13.73
N ALA B 221 -5.48 18.70 13.76
CA ALA B 221 -4.82 17.41 13.92
C ALA B 221 -5.32 16.45 12.84
N LYS B 222 -4.44 16.14 11.88
CA LYS B 222 -4.70 15.10 10.89
C LYS B 222 -3.67 14.00 11.10
N ILE B 223 -4.13 12.84 11.59
CA ILE B 223 -3.25 11.71 11.86
C ILE B 223 -3.67 10.56 10.94
N ASN B 224 -2.68 10.00 10.24
CA ASN B 224 -2.85 8.77 9.47
C ASN B 224 -2.15 7.65 10.22
N PHE B 225 -2.89 6.60 10.54
CA PHE B 225 -2.35 5.47 11.29
C PHE B 225 -2.00 4.33 10.33
N ASP B 226 -0.91 3.63 10.65
CA ASP B 226 -0.48 2.50 9.84
C ASP B 226 -1.39 1.32 10.08
N ASP B 227 -2.11 0.89 9.04
CA ASP B 227 -3.03 -0.24 9.18
C ASP B 227 -2.31 -1.49 9.67
N ASN B 228 -1.07 -1.70 9.20
CA ASN B 228 -0.32 -2.90 9.57
C ASN B 228 0.00 -2.96 11.06
N ALA B 229 -0.25 -1.89 11.81
CA ALA B 229 0.06 -1.84 13.23
C ALA B 229 -1.19 -1.99 14.10
N GLU B 230 -2.32 -2.36 13.51
CA GLU B 230 -3.57 -2.45 14.28
C GLU B 230 -3.46 -3.43 15.43
N PHE B 231 -2.69 -4.52 15.26
CA PHE B 231 -2.60 -5.52 16.31
C PHE B 231 -1.95 -4.97 17.58
N ARG B 232 -1.16 -3.90 17.46
CA ARG B 232 -0.53 -3.25 18.60
C ARG B 232 -1.25 -1.97 19.02
N GLN B 233 -2.16 -1.47 18.20
CA GLN B 233 -2.93 -0.27 18.48
C GLN B 233 -4.41 -0.64 18.58
N LYS B 234 -4.74 -1.45 19.58
CA LYS B 234 -6.12 -1.88 19.76
C LYS B 234 -7.03 -0.68 20.07
N ASP B 235 -6.73 0.03 21.15
CA ASP B 235 -7.59 1.13 21.59
C ASP B 235 -7.76 2.17 20.48
N ILE B 236 -6.74 2.38 19.66
CA ILE B 236 -6.82 3.41 18.63
C ILE B 236 -7.68 2.94 17.46
N PHE B 237 -7.46 1.71 16.99
CA PHE B 237 -8.30 1.19 15.91
C PHE B 237 -9.70 0.81 16.39
N ALA B 238 -9.91 0.73 17.70
CA ALA B 238 -11.26 0.64 18.22
C ALA B 238 -12.05 1.93 17.99
N MET B 239 -11.36 3.04 17.77
CA MET B 239 -11.98 4.35 17.65
C MET B 239 -12.45 4.68 16.24
N ASP B 240 -12.08 3.88 15.24
CA ASP B 240 -12.54 4.15 13.89
C ASP B 240 -14.06 4.07 13.85
N ASP B 241 -14.69 5.16 13.43
CA ASP B 241 -16.14 5.27 13.53
C ASP B 241 -16.83 4.17 12.74
N LYS B 242 -18.04 3.82 13.16
CA LYS B 242 -18.84 2.77 12.52
C LYS B 242 -19.55 3.25 11.26
N SER B 243 -18.92 4.13 10.49
CA SER B 243 -19.43 4.53 9.18
C SER B 243 -18.26 4.74 8.22
N GLU B 244 -17.25 3.88 8.34
CA GLU B 244 -16.11 3.90 7.43
C GLU B 244 -16.58 3.72 6.00
N ASN B 245 -16.58 4.80 5.22
CA ASN B 245 -17.06 4.77 3.84
C ASN B 245 -18.53 4.38 3.79
N GLU B 246 -18.81 3.08 3.79
CA GLU B 246 -20.19 2.59 3.66
C GLU B 246 -20.28 1.23 4.32
N PRO B 247 -21.47 0.84 4.80
CA PRO B 247 -21.63 -0.50 5.39
C PRO B 247 -21.26 -1.62 4.43
N ILE B 248 -21.41 -1.40 3.12
CA ILE B 248 -21.01 -2.42 2.15
C ILE B 248 -19.53 -2.76 2.31
N GLU B 249 -18.73 -1.79 2.75
CA GLU B 249 -17.30 -2.02 2.91
C GLU B 249 -16.99 -2.72 4.24
N ASN B 250 -17.64 -2.30 5.32
CA ASN B 250 -17.30 -2.83 6.64
C ASN B 250 -17.64 -4.31 6.75
N GLU B 251 -18.88 -4.68 6.39
CA GLU B 251 -19.26 -6.09 6.48
C GLU B 251 -18.31 -6.97 5.69
N ALA B 252 -17.79 -6.46 4.57
CA ALA B 252 -16.77 -7.19 3.84
C ALA B 252 -15.54 -7.42 4.71
N ALA B 253 -15.03 -6.35 5.33
CA ALA B 253 -13.81 -6.46 6.12
C ALA B 253 -13.98 -7.37 7.32
N LYS B 254 -15.21 -7.70 7.71
CA LYS B 254 -15.40 -8.62 8.83
C LYS B 254 -14.67 -9.93 8.60
N TYR B 255 -14.65 -10.41 7.36
CA TYR B 255 -13.94 -11.62 6.98
C TYR B 255 -12.65 -11.29 6.24
N ASP B 256 -12.00 -10.19 6.61
CA ASP B 256 -10.81 -9.68 5.92
C ASP B 256 -10.94 -9.79 4.41
N LEU B 257 -11.87 -9.02 3.83
CA LEU B 257 -12.00 -8.89 2.38
C LEU B 257 -11.97 -7.41 2.03
N LYS B 258 -10.94 -6.99 1.30
CA LYS B 258 -10.78 -5.60 0.91
C LYS B 258 -11.74 -5.29 -0.23
N TYR B 259 -12.72 -4.43 0.02
CA TYR B 259 -13.77 -4.10 -0.93
C TYR B 259 -13.68 -2.63 -1.30
N ILE B 260 -13.46 -2.35 -2.57
CA ILE B 260 -13.45 -0.98 -3.10
C ILE B 260 -14.65 -0.82 -4.02
N GLY B 261 -15.54 0.11 -3.68
CA GLY B 261 -16.72 0.34 -4.47
C GLY B 261 -16.50 1.33 -5.61
N LEU B 262 -17.37 1.24 -6.61
CA LEU B 262 -17.33 2.11 -7.78
C LEU B 262 -18.75 2.30 -8.29
N ASP B 263 -18.89 2.95 -9.44
CA ASP B 263 -20.17 3.15 -10.09
C ASP B 263 -20.14 2.42 -11.43
N GLY B 264 -20.68 1.20 -11.44
CA GLY B 264 -20.66 0.40 -12.64
C GLY B 264 -21.59 -0.78 -12.51
N ASN B 265 -21.50 -1.68 -13.49
CA ASN B 265 -22.40 -2.83 -13.57
C ASN B 265 -21.70 -4.17 -13.38
N ILE B 266 -20.38 -4.23 -13.53
CA ILE B 266 -19.62 -5.47 -13.40
C ILE B 266 -18.94 -5.46 -12.04
N ALA B 267 -19.09 -6.55 -11.29
CA ALA B 267 -18.48 -6.70 -9.97
C ALA B 267 -17.26 -7.60 -10.10
N CYS B 268 -16.08 -7.01 -9.96
CA CYS B 268 -14.84 -7.77 -10.08
C CYS B 268 -14.59 -8.59 -8.82
N PHE B 269 -13.68 -9.56 -8.94
CA PHE B 269 -13.35 -10.45 -7.83
C PHE B 269 -11.98 -11.05 -8.13
N VAL B 270 -10.94 -10.41 -7.62
CA VAL B 270 -9.56 -10.72 -7.96
C VAL B 270 -8.77 -11.01 -6.70
N ASN B 271 -7.70 -11.81 -6.85
CA ASN B 271 -6.81 -12.12 -5.75
C ASN B 271 -5.51 -11.32 -5.90
N GLY B 272 -5.64 -10.01 -5.70
CA GLY B 272 -4.51 -9.12 -5.80
C GLY B 272 -4.91 -7.70 -6.12
N ALA B 273 -4.52 -6.76 -5.27
CA ALA B 273 -4.87 -5.36 -5.48
C ALA B 273 -4.40 -4.89 -6.86
N GLY B 274 -3.10 -5.03 -7.14
CA GLY B 274 -2.59 -4.66 -8.46
C GLY B 274 -3.33 -5.40 -9.57
N LEU B 275 -3.53 -6.70 -9.40
CA LEU B 275 -4.25 -7.47 -10.40
C LEU B 275 -5.72 -7.07 -10.45
N ALA B 276 -6.27 -6.56 -9.35
CA ALA B 276 -7.65 -6.09 -9.35
C ALA B 276 -7.77 -4.79 -10.15
N MET B 277 -6.87 -3.84 -9.89
CA MET B 277 -6.88 -2.60 -10.67
C MET B 277 -6.64 -2.87 -12.14
N ALA B 278 -5.80 -3.85 -12.46
CA ALA B 278 -5.57 -4.22 -13.85
C ALA B 278 -6.86 -4.68 -14.51
N THR B 279 -7.55 -5.63 -13.87
CA THR B 279 -8.82 -6.11 -14.42
C THR B 279 -9.78 -4.95 -14.67
N CYS B 280 -9.90 -4.04 -13.70
CA CYS B 280 -10.73 -2.86 -13.90
C CYS B 280 -10.27 -2.06 -15.11
N ASP B 281 -8.96 -1.97 -15.32
CA ASP B 281 -8.45 -1.24 -16.48
C ASP B 281 -8.90 -1.92 -17.77
N ILE B 282 -8.56 -3.20 -17.94
CA ILE B 282 -8.83 -3.88 -19.20
C ILE B 282 -10.32 -3.97 -19.47
N ILE B 283 -11.14 -4.06 -18.41
CA ILE B 283 -12.59 -3.94 -18.61
C ILE B 283 -12.92 -2.60 -19.23
N PHE B 284 -12.31 -1.54 -18.71
CA PHE B 284 -12.50 -0.21 -19.27
C PHE B 284 -12.12 -0.16 -20.74
N LEU B 285 -11.01 -0.82 -21.10
CA LEU B 285 -10.56 -0.80 -22.49
C LEU B 285 -11.57 -1.44 -23.42
N ASN B 286 -12.33 -2.43 -22.94
CA ASN B 286 -13.27 -3.16 -23.77
C ASN B 286 -14.67 -2.54 -23.78
N GLY B 287 -14.93 -1.56 -22.93
CA GLY B 287 -16.19 -0.84 -22.93
C GLY B 287 -17.03 -1.03 -21.69
N GLY B 288 -16.76 -2.06 -20.89
CA GLY B 288 -17.45 -2.24 -19.64
C GLY B 288 -17.12 -1.13 -18.66
N LYS B 289 -17.76 -1.21 -17.50
CA LYS B 289 -17.48 -0.28 -16.41
C LYS B 289 -17.71 -0.98 -15.09
N PRO B 290 -16.65 -1.32 -14.34
CA PRO B 290 -16.84 -2.15 -13.15
C PRO B 290 -17.58 -1.41 -12.05
N ALA B 291 -18.50 -2.13 -11.40
CA ALA B 291 -19.20 -1.59 -10.24
C ALA B 291 -18.29 -1.50 -9.02
N ASN B 292 -17.24 -2.34 -8.96
CA ASN B 292 -16.38 -2.42 -7.80
C ASN B 292 -15.35 -3.52 -7.99
N PHE B 293 -14.59 -3.85 -6.94
CA PHE B 293 -13.78 -5.05 -6.95
C PHE B 293 -13.55 -5.49 -5.51
N LEU B 294 -13.52 -6.81 -5.31
CA LEU B 294 -13.33 -7.43 -4.01
C LEU B 294 -12.03 -8.19 -4.02
N ASP B 295 -11.08 -7.77 -3.20
CA ASP B 295 -9.74 -8.35 -3.22
C ASP B 295 -9.65 -9.51 -2.23
N LEU B 296 -8.81 -10.49 -2.59
CA LEU B 296 -8.56 -11.66 -1.75
C LEU B 296 -7.14 -11.73 -1.22
N GLY B 297 -6.23 -10.92 -1.74
CA GLY B 297 -4.83 -11.02 -1.36
C GLY B 297 -4.27 -12.38 -1.71
N GLY B 298 -3.98 -13.18 -0.70
CA GLY B 298 -3.45 -14.52 -0.90
C GLY B 298 -4.27 -15.59 -0.22
N GLY B 299 -4.67 -15.33 1.02
CA GLY B 299 -5.49 -16.29 1.74
C GLY B 299 -6.79 -16.57 1.03
N VAL B 300 -7.28 -17.80 1.20
CA VAL B 300 -8.51 -18.24 0.54
C VAL B 300 -9.17 -19.30 1.41
N LYS B 301 -10.48 -19.16 1.61
CA LYS B 301 -11.25 -20.13 2.38
C LYS B 301 -12.65 -20.22 1.77
N GLU B 302 -13.20 -21.45 1.74
CA GLU B 302 -14.52 -21.65 1.17
C GLU B 302 -15.55 -20.68 1.74
N SER B 303 -15.34 -20.20 2.96
CA SER B 303 -16.26 -19.24 3.56
C SER B 303 -16.22 -17.91 2.81
N GLN B 304 -15.02 -17.42 2.50
CA GLN B 304 -14.89 -16.10 1.88
C GLN B 304 -15.58 -16.05 0.52
N VAL B 305 -15.39 -17.08 -0.31
CA VAL B 305 -16.07 -17.11 -1.60
C VAL B 305 -17.59 -17.08 -1.40
N TYR B 306 -18.08 -17.70 -0.32
CA TYR B 306 -19.51 -17.67 -0.03
C TYR B 306 -19.96 -16.24 0.24
N GLN B 307 -19.34 -15.57 1.21
CA GLN B 307 -19.69 -14.18 1.50
C GLN B 307 -19.35 -13.26 0.34
N ALA B 308 -18.25 -13.53 -0.37
CA ALA B 308 -17.87 -12.71 -1.51
C ALA B 308 -19.02 -12.55 -2.49
N PHE B 309 -19.60 -13.67 -2.92
CA PHE B 309 -20.72 -13.60 -3.85
C PHE B 309 -21.96 -13.02 -3.19
N LYS B 310 -22.23 -13.39 -1.92
CA LYS B 310 -23.38 -12.83 -1.24
C LYS B 310 -23.29 -11.32 -1.13
N LEU B 311 -22.07 -10.78 -1.10
CA LEU B 311 -21.86 -9.34 -0.91
C LEU B 311 -21.93 -8.59 -2.23
N LEU B 312 -21.26 -9.09 -3.27
CA LEU B 312 -21.23 -8.37 -4.54
C LEU B 312 -22.63 -8.21 -5.11
N THR B 313 -23.49 -9.22 -4.93
CA THR B 313 -24.86 -9.15 -5.41
C THR B 313 -25.78 -8.39 -4.45
N ALA B 314 -25.23 -7.77 -3.41
CA ALA B 314 -26.04 -7.03 -2.45
C ALA B 314 -26.78 -5.88 -3.14
N ASP B 315 -26.08 -4.78 -3.42
CA ASP B 315 -26.72 -3.67 -4.09
C ASP B 315 -27.16 -4.09 -5.49
N PRO B 316 -28.20 -3.46 -6.03
CA PRO B 316 -28.77 -3.92 -7.30
C PRO B 316 -28.02 -3.46 -8.53
N LYS B 317 -26.90 -2.76 -8.38
CA LYS B 317 -26.16 -2.20 -9.51
C LYS B 317 -25.08 -3.15 -10.03
N VAL B 318 -25.35 -4.44 -10.06
CA VAL B 318 -24.38 -5.42 -10.52
C VAL B 318 -25.07 -6.50 -11.36
N GLU B 319 -25.25 -6.23 -12.66
CA GLU B 319 -25.84 -7.20 -13.58
C GLU B 319 -24.81 -8.17 -14.13
N ALA B 320 -23.77 -8.48 -13.36
CA ALA B 320 -22.72 -9.41 -13.75
C ALA B 320 -21.52 -9.30 -12.81
N ILE B 321 -20.81 -10.40 -12.60
CA ILE B 321 -19.62 -10.40 -11.75
C ILE B 321 -18.50 -11.14 -12.48
N LEU B 322 -17.26 -10.72 -12.21
CA LEU B 322 -16.09 -11.27 -12.88
C LEU B 322 -15.15 -11.85 -11.83
N VAL B 323 -14.80 -13.11 -11.98
CA VAL B 323 -13.85 -13.80 -11.11
C VAL B 323 -12.54 -13.95 -11.86
N ASN B 324 -11.44 -13.55 -11.22
CA ASN B 324 -10.10 -13.64 -11.82
C ASN B 324 -9.12 -13.99 -10.70
N ILE B 325 -8.87 -15.29 -10.52
CA ILE B 325 -7.99 -15.79 -9.47
C ILE B 325 -6.78 -16.41 -10.16
N PHE B 326 -5.66 -15.69 -10.14
CA PHE B 326 -4.41 -16.12 -10.78
C PHE B 326 -3.34 -16.18 -9.71
N GLY B 327 -3.23 -17.33 -9.04
CA GLY B 327 -2.16 -17.55 -8.10
C GLY B 327 -2.62 -17.82 -6.68
N GLY B 328 -3.84 -18.33 -6.52
CA GLY B 328 -4.29 -18.73 -5.21
C GLY B 328 -3.39 -19.79 -4.63
N ILE B 329 -3.12 -19.68 -3.32
CA ILE B 329 -2.26 -20.65 -2.65
C ILE B 329 -2.86 -22.05 -2.62
N VAL B 330 -4.15 -22.18 -2.90
CA VAL B 330 -4.82 -23.47 -2.95
C VAL B 330 -5.20 -23.77 -4.39
N ASN B 331 -5.24 -25.06 -4.73
CA ASN B 331 -5.69 -25.49 -6.05
C ASN B 331 -7.08 -24.91 -6.32
N ALA B 333 -9.06 -25.66 -8.31
CA ALA B 333 -10.00 -26.77 -8.48
C ALA B 333 -10.82 -26.91 -7.19
N ILE B 334 -10.25 -26.43 -6.08
CA ILE B 334 -10.95 -26.47 -4.81
C ILE B 334 -11.89 -25.28 -4.67
N ILE B 335 -11.47 -24.10 -5.15
CA ILE B 335 -12.35 -22.95 -5.10
C ILE B 335 -13.40 -23.02 -6.20
N ALA B 336 -13.07 -23.66 -7.33
CA ALA B 336 -14.07 -23.90 -8.37
C ALA B 336 -15.30 -24.59 -7.79
N ASN B 337 -15.08 -25.56 -6.90
CA ASN B 337 -16.19 -26.16 -6.17
C ASN B 337 -16.71 -25.26 -5.07
N GLY B 338 -15.88 -24.33 -4.58
CA GLY B 338 -16.37 -23.30 -3.68
C GLY B 338 -17.17 -22.22 -4.39
N ILE B 339 -16.94 -22.04 -5.69
CA ILE B 339 -17.75 -21.11 -6.47
C ILE B 339 -19.11 -21.72 -6.78
N THR B 340 -19.12 -22.95 -7.30
CA THR B 340 -20.38 -23.62 -7.57
C THR B 340 -21.22 -23.73 -6.30
N LYS B 341 -20.60 -24.20 -5.21
CA LYS B 341 -21.32 -24.30 -3.95
C LYS B 341 -21.83 -22.94 -3.47
N ALA B 342 -21.00 -21.90 -3.62
CA ALA B 342 -21.39 -20.55 -3.23
C ALA B 342 -22.30 -19.89 -4.25
N CYS B 343 -22.64 -20.55 -5.34
CA CYS B 343 -23.49 -20.00 -6.39
C CYS B 343 -24.84 -20.69 -6.49
N ARG B 344 -24.89 -22.01 -6.34
CA ARG B 344 -26.18 -22.71 -6.41
C ARG B 344 -26.96 -22.57 -5.11
N GLU B 345 -26.28 -22.54 -3.96
CA GLU B 345 -26.98 -22.36 -2.69
C GLU B 345 -27.40 -20.91 -2.48
N LEU B 346 -26.66 -19.97 -3.06
CA LEU B 346 -27.03 -18.55 -2.97
C LEU B 346 -28.03 -18.17 -4.05
N GLU B 347 -28.00 -18.84 -5.20
CA GLU B 347 -28.93 -18.57 -6.28
C GLU B 347 -28.85 -17.12 -6.72
N LEU B 348 -27.85 -16.79 -7.54
CA LEU B 348 -27.67 -15.44 -8.04
C LEU B 348 -28.16 -15.34 -9.48
N LYS B 349 -28.85 -14.25 -9.79
CA LYS B 349 -29.51 -14.06 -11.07
C LYS B 349 -28.68 -13.19 -12.01
N VAL B 350 -27.36 -13.15 -11.82
CA VAL B 350 -26.48 -12.33 -12.66
C VAL B 350 -25.49 -13.24 -13.37
N PRO B 351 -25.10 -12.94 -14.61
CA PRO B 351 -24.05 -13.75 -15.27
C PRO B 351 -22.82 -13.89 -14.40
N LEU B 352 -21.92 -14.80 -14.77
CA LEU B 352 -20.75 -15.08 -13.95
C LEU B 352 -19.62 -15.53 -14.87
N VAL B 353 -18.56 -14.73 -14.94
CA VAL B 353 -17.40 -15.01 -15.77
C VAL B 353 -16.23 -15.37 -14.87
N VAL B 354 -15.59 -16.50 -15.15
CA VAL B 354 -14.51 -17.03 -14.34
C VAL B 354 -13.26 -17.18 -15.18
N ARG B 355 -12.14 -16.66 -14.69
CA ARG B 355 -10.82 -16.89 -15.28
C ARG B 355 -9.93 -17.43 -14.17
N LEU B 356 -9.44 -18.66 -14.35
CA LEU B 356 -8.56 -19.29 -13.39
C LEU B 356 -7.30 -19.75 -14.10
N GLU B 357 -6.17 -19.66 -13.39
CA GLU B 357 -4.89 -20.09 -13.95
C GLU B 357 -3.97 -20.47 -12.79
N GLY B 358 -3.57 -21.73 -12.73
CA GLY B 358 -2.75 -22.17 -11.61
C GLY B 358 -2.57 -23.68 -11.62
N THR B 359 -2.48 -24.25 -10.43
CA THR B 359 -2.22 -25.68 -10.27
C THR B 359 -3.42 -26.50 -10.75
N ASN B 360 -3.19 -27.37 -11.74
CA ASN B 360 -4.22 -28.23 -12.28
C ASN B 360 -5.47 -27.43 -12.66
N VAL B 361 -5.28 -26.54 -13.63
CA VAL B 361 -6.39 -25.72 -14.12
C VAL B 361 -7.31 -26.51 -15.04
N HIS B 362 -6.83 -27.61 -15.62
CA HIS B 362 -7.67 -28.40 -16.52
C HIS B 362 -8.82 -29.05 -15.77
N GLU B 363 -8.51 -29.76 -14.68
CA GLU B 363 -9.54 -30.38 -13.85
C GLU B 363 -10.38 -29.35 -13.11
N ALA B 364 -9.99 -28.08 -13.13
CA ALA B 364 -10.75 -27.03 -12.46
C ALA B 364 -11.71 -26.31 -13.40
N GLN B 365 -11.31 -26.10 -14.65
CA GLN B 365 -12.18 -25.39 -15.59
C GLN B 365 -13.42 -26.21 -15.93
N ASN B 366 -13.26 -27.52 -16.08
CA ASN B 366 -14.41 -28.37 -16.38
C ASN B 366 -15.41 -28.43 -15.23
N ILE B 367 -14.99 -28.04 -14.02
CA ILE B 367 -15.91 -28.05 -12.88
C ILE B 367 -17.05 -27.07 -13.13
N LEU B 368 -16.74 -25.93 -13.76
CA LEU B 368 -17.78 -24.93 -14.02
C LEU B 368 -18.61 -25.30 -15.24
N THR B 369 -17.97 -25.87 -16.27
CA THR B 369 -18.69 -26.17 -17.51
C THR B 369 -19.75 -27.24 -17.28
N ASN B 370 -19.41 -28.31 -16.54
CA ASN B 370 -20.32 -29.40 -16.26
C ASN B 370 -21.13 -29.20 -14.98
N SER B 371 -21.36 -27.95 -14.59
CA SER B 371 -22.12 -27.64 -13.39
C SER B 371 -23.57 -27.29 -13.65
N GLY B 372 -23.92 -26.99 -14.91
CA GLY B 372 -25.28 -26.57 -15.23
C GLY B 372 -25.63 -25.17 -14.77
N LEU B 373 -24.66 -24.42 -14.26
CA LEU B 373 -24.86 -23.10 -13.69
C LEU B 373 -24.43 -22.02 -14.69
N PRO B 374 -24.91 -20.78 -14.53
CA PRO B 374 -24.51 -19.69 -15.45
C PRO B 374 -23.08 -19.22 -15.17
N ILE B 375 -22.11 -20.03 -15.58
CA ILE B 375 -20.71 -19.77 -15.31
C ILE B 375 -19.95 -19.97 -16.62
N THR B 376 -19.49 -18.88 -17.21
CA THR B 376 -18.70 -18.91 -18.43
C THR B 376 -17.22 -18.85 -18.09
N SER B 377 -16.43 -19.69 -18.74
CA SER B 377 -14.99 -19.77 -18.47
C SER B 377 -14.21 -18.86 -19.40
N ALA B 378 -13.07 -18.40 -18.91
CA ALA B 378 -12.18 -17.55 -19.69
C ALA B 378 -10.74 -18.07 -19.54
N VAL B 379 -9.92 -17.76 -20.53
CA VAL B 379 -8.57 -18.30 -20.62
C VAL B 379 -7.52 -17.27 -20.19
N ASP B 380 -7.61 -16.05 -20.72
CA ASP B 380 -6.66 -14.99 -20.43
C ASP B 380 -7.41 -13.78 -19.90
N LEU B 381 -6.63 -12.77 -19.48
CA LEU B 381 -7.24 -11.57 -18.92
C LEU B 381 -8.08 -10.83 -19.96
N GLU B 382 -7.57 -10.72 -21.19
CA GLU B 382 -8.34 -10.08 -22.25
C GLU B 382 -9.65 -10.82 -22.50
N ASP B 383 -9.61 -12.16 -22.47
CA ASP B 383 -10.81 -12.94 -22.68
C ASP B 383 -11.83 -12.68 -21.60
N ALA B 384 -11.39 -12.68 -20.33
CA ALA B 384 -12.32 -12.48 -19.22
C ALA B 384 -13.05 -11.16 -19.34
N ALA B 385 -12.36 -10.11 -19.80
CA ALA B 385 -12.97 -8.78 -19.87
C ALA B 385 -14.08 -8.75 -20.92
N LYS B 386 -13.75 -9.08 -22.17
CA LYS B 386 -14.74 -9.03 -23.24
C LYS B 386 -15.98 -9.84 -22.90
N LYS B 387 -15.81 -10.95 -22.17
CA LYS B 387 -16.96 -11.76 -21.79
C LYS B 387 -17.84 -11.04 -20.79
N ALA B 388 -17.24 -10.50 -19.73
CA ALA B 388 -18.01 -9.75 -18.74
C ALA B 388 -18.73 -8.57 -19.39
N VAL B 389 -18.03 -7.85 -20.27
CA VAL B 389 -18.68 -6.74 -20.98
C VAL B 389 -19.89 -7.25 -21.77
N ALA B 390 -19.79 -8.45 -22.32
CA ALA B 390 -20.88 -9.05 -23.08
C ALA B 390 -21.89 -9.64 -22.10
N SER B 391 -22.74 -8.76 -21.58
CA SER B 391 -23.79 -9.16 -20.64
C SER B 391 -24.78 -8.03 -20.43
N VAL B 392 -25.30 -7.48 -21.52
CA VAL B 392 -26.25 -6.37 -21.45
C VAL B 392 -27.29 -6.49 -22.56
#